data_7B4I
#
_entry.id   7B4I
#
_cell.length_a   97.784
_cell.length_b   97.784
_cell.length_c   119.899
_cell.angle_alpha   90.000
_cell.angle_beta   90.000
_cell.angle_gamma   90.000
#
_symmetry.space_group_name_H-M   'P 43'
#
loop_
_entity.id
_entity.type
_entity.pdbx_description
1 polymer 'Aspartate aminotransferase family protein'
2 non-polymer "PYRIDOXAL-5'-PHOSPHATE"
3 non-polymer 'SUCCINIC ACID'
4 water water
#
_entity_poly.entity_id   1
_entity_poly.type   'polypeptide(L)'
_entity_poly.pdbx_seq_one_letter_code
;MNQSVSSLAEKDIQYQLHPYTNARLHQELGPLIIERGQGIYVYDDQGKGYIEAMAGLGSVALGFSNQRLIKAAEQQFNTL
PFYHLFNHKSHRPSIELAEKLIEMAPVPMSKVFFTNSGSEANDTVVKFVWYLNNALGKPAKKKFISRVNGYHGVTVASAS
LTGLPGNQRGFDLPLPGFLHVGCPHHYRFALAGESEEHFADRLAVELEQKILAEGPETIAAFIGEPLMGAGGVIVPPRTY
WEKIQKVCRKYDILVIADEVICGFGRTGQMFGSQTFGIQPDIMVLSKQLSSSYQPIAAILINAPVFEGIADQSQALGALG
HGFTGSGHPVATAVALENLKIIEEESLVEHAAQMGQLLRSGLQHFIDHPLVGEIRGCGLIAAVELVGDRVSKAPYQALGT
LGRYMAGRAQEHGMITRAMGDAVAFCPPLIVNEQEVGMIVERFARALDDTTQWVGPGGHHHHHH
;
_entity_poly.pdbx_strand_id   AAA,BBB
#
loop_
_chem_comp.id
_chem_comp.type
_chem_comp.name
_chem_comp.formula
PLP non-polymer PYRIDOXAL-5'-PHOSPHATE 'C8 H10 N O6 P'
SIN non-polymer 'SUCCINIC ACID' 'C4 H6 O4'
#
# COMPACT_ATOMS: atom_id res chain seq x y z
N SER A 7 9.15 8.28 -29.14
CA SER A 7 8.29 9.30 -28.49
C SER A 7 8.00 8.84 -27.06
N LEU A 8 7.49 9.75 -26.24
CA LEU A 8 7.10 9.42 -24.87
C LEU A 8 5.98 8.39 -24.89
N ALA A 9 5.02 8.50 -25.81
CA ALA A 9 3.89 7.55 -25.95
C ALA A 9 4.43 6.16 -26.29
N GLU A 10 5.47 6.08 -27.13
CA GLU A 10 6.07 4.77 -27.52
C GLU A 10 6.73 4.13 -26.28
N LYS A 11 7.42 4.91 -25.47
CA LYS A 11 8.10 4.42 -24.24
C LYS A 11 7.03 3.89 -23.28
N ASP A 12 5.92 4.60 -23.15
CA ASP A 12 4.81 4.15 -22.27
C ASP A 12 4.31 2.79 -22.76
N ILE A 13 4.06 2.62 -24.06
CA ILE A 13 3.59 1.33 -24.62
C ILE A 13 4.64 0.23 -24.37
N GLN A 14 5.92 0.57 -24.50
CA GLN A 14 7.01 -0.44 -24.39
C GLN A 14 7.16 -0.90 -22.93
N TYR A 15 6.96 -0.01 -21.96
CA TYR A 15 7.51 -0.25 -20.59
C TYR A 15 6.44 -0.31 -19.50
N GLN A 16 5.24 0.22 -19.69
CA GLN A 16 4.26 0.35 -18.57
C GLN A 16 3.06 -0.58 -18.79
N LEU A 17 2.76 -1.37 -17.76
CA LEU A 17 1.46 -2.08 -17.62
C LEU A 17 0.51 -1.15 -16.86
N HIS A 18 -0.57 -0.71 -17.50
CA HIS A 18 -1.53 0.26 -16.92
C HIS A 18 -2.57 -0.43 -16.05
N PRO A 19 -2.89 0.16 -14.89
CA PRO A 19 -4.09 -0.23 -14.17
C PRO A 19 -5.35 0.06 -14.98
N TYR A 20 -6.38 -0.78 -14.80
CA TYR A 20 -7.76 -0.53 -15.26
C TYR A 20 -7.73 -0.15 -16.73
N THR A 21 -6.95 -0.91 -17.50
CA THR A 21 -6.69 -0.67 -18.94
C THR A 21 -6.68 -2.02 -19.67
N ASN A 22 -7.26 -2.07 -20.87
CA ASN A 22 -7.07 -3.17 -21.85
C ASN A 22 -5.63 -3.09 -22.37
N ALA A 23 -4.75 -4.00 -21.96
CA ALA A 23 -3.30 -3.92 -22.23
C ALA A 23 -3.05 -4.00 -23.75
N ARG A 24 -3.87 -4.75 -24.47
CA ARG A 24 -3.71 -4.96 -25.94
C ARG A 24 -4.15 -3.70 -26.69
N LEU A 25 -5.31 -3.14 -26.33
CA LEU A 25 -5.79 -1.86 -26.92
C LEU A 25 -4.77 -0.77 -26.60
N HIS A 26 -4.15 -0.80 -25.41
CA HIS A 26 -3.11 0.17 -25.01
C HIS A 26 -1.92 0.10 -25.97
N GLN A 27 -1.51 -1.11 -26.35
CA GLN A 27 -0.36 -1.30 -27.29
C GLN A 27 -0.68 -0.68 -28.64
N GLU A 28 -1.94 -0.70 -29.05
CA GLU A 28 -2.42 -0.05 -30.31
C GLU A 28 -2.54 1.46 -30.12
N LEU A 29 -3.36 1.94 -29.18
CA LEU A 29 -3.77 3.37 -29.07
C LEU A 29 -2.70 4.19 -28.34
N GLY A 30 -2.01 3.59 -27.37
CA GLY A 30 -1.07 4.31 -26.50
C GLY A 30 -1.81 5.17 -25.49
N PRO A 31 -1.06 5.93 -24.68
CA PRO A 31 -1.63 6.72 -23.60
C PRO A 31 -2.23 8.07 -24.03
N LEU A 32 -3.07 8.62 -23.17
CA LEU A 32 -3.29 10.08 -23.08
C LEU A 32 -2.32 10.60 -22.01
N ILE A 33 -1.25 11.26 -22.44
CA ILE A 33 -0.19 11.77 -21.52
C ILE A 33 -0.64 13.13 -20.97
N ILE A 34 -0.76 13.19 -19.65
CA ILE A 34 -1.07 14.44 -18.93
C ILE A 34 0.24 15.05 -18.48
N GLU A 35 0.48 16.28 -18.88
CA GLU A 35 1.78 16.98 -18.70
C GLU A 35 1.75 17.83 -17.44
N ARG A 36 0.66 18.55 -17.19
CA ARG A 36 0.62 19.59 -16.14
C ARG A 36 -0.83 19.85 -15.72
N GLY A 37 -0.97 20.48 -14.57
CA GLY A 37 -2.28 20.86 -14.02
C GLY A 37 -2.19 22.18 -13.29
N GLN A 38 -3.32 22.87 -13.20
CA GLN A 38 -3.50 24.07 -12.34
C GLN A 38 -4.99 24.22 -12.06
N GLY A 39 -5.35 24.61 -10.86
CA GLY A 39 -6.76 24.76 -10.46
C GLY A 39 -7.50 23.46 -10.72
N ILE A 40 -8.61 23.49 -11.44
CA ILE A 40 -9.42 22.26 -11.72
C ILE A 40 -9.02 21.65 -13.07
N TYR A 41 -7.96 22.14 -13.71
CA TYR A 41 -7.57 21.77 -15.10
C TYR A 41 -6.33 20.89 -15.14
N VAL A 42 -6.35 19.94 -16.07
CA VAL A 42 -5.11 19.24 -16.50
C VAL A 42 -4.96 19.45 -18.00
N TYR A 43 -3.74 19.30 -18.49
CA TYR A 43 -3.36 19.58 -19.89
C TYR A 43 -2.60 18.38 -20.42
N ASP A 44 -2.92 17.96 -21.65
CA ASP A 44 -2.18 16.84 -22.28
C ASP A 44 -0.90 17.38 -22.91
N ASP A 45 -0.09 16.48 -23.45
CA ASP A 45 1.24 16.86 -24.01
C ASP A 45 1.07 17.59 -25.34
N GLN A 46 -0.16 17.75 -25.85
CA GLN A 46 -0.47 18.54 -27.07
C GLN A 46 -0.96 19.94 -26.68
N GLY A 47 -1.04 20.26 -25.38
CA GLY A 47 -1.48 21.55 -24.85
C GLY A 47 -2.99 21.68 -24.66
N LYS A 48 -3.78 20.65 -24.97
CA LYS A 48 -5.26 20.69 -24.80
C LYS A 48 -5.57 20.64 -23.30
N GLY A 49 -6.43 21.55 -22.84
CA GLY A 49 -6.88 21.63 -21.44
C GLY A 49 -8.18 20.89 -21.22
N TYR A 50 -8.31 20.27 -20.05
CA TYR A 50 -9.51 19.52 -19.65
C TYR A 50 -9.92 19.95 -18.26
N ILE A 51 -11.21 20.16 -18.04
CA ILE A 51 -11.76 20.22 -16.66
C ILE A 51 -11.65 18.82 -16.09
N GLU A 52 -10.98 18.67 -14.96
CA GLU A 52 -10.89 17.36 -14.28
C GLU A 52 -12.15 17.25 -13.41
N ALA A 53 -13.26 16.90 -14.05
CA ALA A 53 -14.59 16.85 -13.39
C ALA A 53 -14.62 15.70 -12.39
N MET A 54 -13.63 14.80 -12.40
CA MET A 54 -13.49 13.71 -11.40
C MET A 54 -12.47 14.06 -10.31
N ALA A 55 -11.81 15.23 -10.33
CA ALA A 55 -10.72 15.56 -9.37
C ALA A 55 -9.72 14.38 -9.35
N GLY A 56 -9.32 13.92 -10.53
CA GLY A 56 -8.43 12.75 -10.68
C GLY A 56 -9.23 11.48 -10.42
N LEU A 57 -9.11 10.93 -9.22
CA LEU A 57 -9.89 9.74 -8.80
C LEU A 57 -10.73 10.13 -7.59
N GLY A 58 -11.53 11.19 -7.73
CA GLY A 58 -12.38 11.72 -6.65
C GLY A 58 -11.57 12.23 -5.48
N SER A 59 -10.34 12.70 -5.73
CA SER A 59 -9.31 12.80 -4.67
C SER A 59 -8.68 14.21 -4.57
N VAL A 60 -8.60 14.95 -5.66
CA VAL A 60 -7.77 16.20 -5.70
C VAL A 60 -8.63 17.37 -5.22
N ALA A 61 -8.93 17.37 -3.93
CA ALA A 61 -9.90 18.28 -3.29
C ALA A 61 -9.50 19.75 -3.57
N LEU A 62 -8.23 20.08 -3.43
CA LEU A 62 -7.75 21.49 -3.52
C LEU A 62 -7.27 21.84 -4.93
N GLY A 63 -7.51 20.97 -5.92
CA GLY A 63 -7.06 21.20 -7.30
C GLY A 63 -5.56 20.99 -7.43
N PHE A 64 -5.05 21.29 -8.62
CA PHE A 64 -3.74 20.79 -9.10
C PHE A 64 -2.62 21.81 -8.90
N SER A 65 -2.84 22.90 -8.18
CA SER A 65 -1.77 23.93 -7.99
C SER A 65 -1.92 24.64 -6.64
N ASN A 66 -2.18 23.90 -5.57
CA ASN A 66 -2.27 24.47 -4.21
C ASN A 66 -0.86 24.69 -3.66
N GLN A 67 -0.42 25.95 -3.55
CA GLN A 67 0.99 26.22 -3.18
C GLN A 67 1.24 25.91 -1.69
N ARG A 68 0.24 26.02 -0.82
CA ARG A 68 0.40 25.70 0.62
C ARG A 68 0.79 24.22 0.79
N LEU A 69 0.16 23.31 0.04
CA LEU A 69 0.51 21.86 0.13
C LEU A 69 1.96 21.66 -0.30
N ILE A 70 2.35 22.29 -1.40
CA ILE A 70 3.68 22.13 -2.03
C ILE A 70 4.74 22.66 -1.06
N LYS A 71 4.48 23.81 -0.42
CA LYS A 71 5.43 24.40 0.56
C LYS A 71 5.50 23.53 1.82
N ALA A 72 4.37 22.95 2.27
CA ALA A 72 4.33 22.05 3.44
C ALA A 72 5.23 20.85 3.17
N ALA A 73 5.20 20.31 1.95
CA ALA A 73 6.08 19.18 1.55
C ALA A 73 7.54 19.60 1.66
N GLU A 74 7.87 20.72 1.01
CA GLU A 74 9.24 21.28 1.01
C GLU A 74 9.75 21.43 2.43
N GLN A 75 8.98 22.06 3.32
CA GLN A 75 9.37 22.33 4.72
C GLN A 75 9.68 21.01 5.40
N GLN A 76 8.85 19.99 5.18
CA GLN A 76 9.10 18.68 5.84
C GLN A 76 10.30 17.97 5.21
N PHE A 77 10.46 18.01 3.89
CA PHE A 77 11.61 17.40 3.17
C PHE A 77 12.92 17.93 3.77
N ASN A 78 12.97 19.23 4.03
CA ASN A 78 14.22 19.90 4.48
C ASN A 78 14.44 19.67 5.98
N THR A 79 13.47 19.11 6.69
CA THR A 79 13.54 18.81 8.13
C THR A 79 13.89 17.33 8.32
N LEU A 80 13.02 16.45 7.84
CA LEU A 80 13.12 14.98 8.01
C LEU A 80 12.33 14.33 6.87
N PRO A 81 12.99 13.93 5.77
CA PRO A 81 12.29 13.52 4.56
C PRO A 81 11.73 12.10 4.65
N PHE A 82 12.25 11.30 5.58
CA PHE A 82 11.67 9.98 5.92
C PHE A 82 11.99 9.66 7.37
N TYR A 83 11.02 9.12 8.07
CA TYR A 83 11.26 8.29 9.25
C TYR A 83 10.06 7.37 9.39
N HIS A 84 10.12 6.44 10.32
CA HIS A 84 9.09 5.40 10.48
C HIS A 84 8.49 5.51 11.88
N LEU A 85 7.45 4.73 12.12
CA LEU A 85 6.71 4.73 13.40
C LEU A 85 6.95 3.41 14.14
N PHE A 86 7.88 2.57 13.68
CA PHE A 86 8.02 1.21 14.24
C PHE A 86 8.72 1.29 15.61
N ASN A 87 8.47 0.32 16.48
CA ASN A 87 9.27 0.12 17.72
C ASN A 87 9.33 1.42 18.54
N HIS A 88 8.21 2.09 18.73
CA HIS A 88 8.05 3.32 19.57
C HIS A 88 8.59 4.59 18.88
N LYS A 89 9.24 4.50 17.71
CA LYS A 89 9.72 5.72 17.01
C LYS A 89 8.51 6.55 16.59
N SER A 90 8.66 7.88 16.58
CA SER A 90 7.58 8.79 16.14
C SER A 90 8.18 10.09 15.60
N HIS A 91 7.31 10.93 15.06
CA HIS A 91 7.70 12.23 14.49
C HIS A 91 6.47 13.14 14.53
N ARG A 92 6.73 14.44 14.55
CA ARG A 92 5.71 15.48 14.80
C ARG A 92 4.56 15.42 13.79
N PRO A 93 4.80 15.36 12.47
CA PRO A 93 3.67 15.44 11.54
C PRO A 93 2.67 14.28 11.74
N SER A 94 3.13 13.06 12.02
CA SER A 94 2.20 11.92 12.27
C SER A 94 1.38 12.19 13.53
N ILE A 95 2.03 12.70 14.57
CA ILE A 95 1.35 12.99 15.87
C ILE A 95 0.29 14.08 15.67
N GLU A 96 0.66 15.19 15.04
CA GLU A 96 -0.26 16.34 14.86
C GLU A 96 -1.41 15.93 13.93
N LEU A 97 -1.14 15.13 12.90
CA LEU A 97 -2.25 14.68 12.02
C LEU A 97 -3.17 13.72 12.78
N ALA A 98 -2.64 12.80 13.59
CA ALA A 98 -3.45 11.86 14.37
C ALA A 98 -4.35 12.64 15.34
N GLU A 99 -3.80 13.66 16.00
CA GLU A 99 -4.58 14.53 16.91
C GLU A 99 -5.72 15.18 16.11
N LYS A 100 -5.41 15.81 14.99
CA LYS A 100 -6.40 16.54 14.16
C LYS A 100 -7.51 15.58 13.73
N LEU A 101 -7.16 14.37 13.28
CA LEU A 101 -8.17 13.40 12.79
C LEU A 101 -9.06 12.92 13.93
N ILE A 102 -8.49 12.60 15.09
CA ILE A 102 -9.30 12.14 16.26
C ILE A 102 -10.23 13.28 16.67
N GLU A 103 -9.74 14.51 16.72
CA GLU A 103 -10.51 15.64 17.29
C GLU A 103 -11.62 16.04 16.31
N MET A 104 -11.46 15.82 15.00
CA MET A 104 -12.52 16.17 14.01
C MET A 104 -13.47 14.99 13.77
N ALA A 105 -13.24 13.81 14.34
CA ALA A 105 -14.04 12.59 14.04
C ALA A 105 -15.50 12.84 14.41
N PRO A 106 -16.45 12.31 13.61
CA PRO A 106 -17.88 12.56 13.84
C PRO A 106 -18.46 11.74 14.98
N VAL A 107 -17.76 10.71 15.44
CA VAL A 107 -18.06 9.94 16.68
C VAL A 107 -16.77 9.87 17.48
N PRO A 108 -16.84 9.67 18.80
CA PRO A 108 -15.63 9.47 19.61
C PRO A 108 -14.77 8.31 19.10
N MET A 109 -13.54 8.65 18.74
CA MET A 109 -12.52 7.70 18.27
C MET A 109 -11.34 7.76 19.22
N SER A 110 -10.58 6.67 19.27
CA SER A 110 -9.44 6.45 20.19
C SER A 110 -8.09 6.68 19.50
N LYS A 111 -7.83 5.95 18.41
CA LYS A 111 -6.46 5.92 17.80
C LYS A 111 -6.55 5.98 16.27
N VAL A 112 -5.48 6.48 15.69
CA VAL A 112 -5.21 6.46 14.22
C VAL A 112 -4.09 5.46 13.94
N PHE A 113 -4.25 4.69 12.86
CA PHE A 113 -3.20 3.84 12.28
C PHE A 113 -3.08 4.27 10.82
N PHE A 114 -1.88 4.63 10.38
CA PHE A 114 -1.66 5.16 9.02
C PHE A 114 -1.18 4.05 8.07
N THR A 115 -1.61 4.16 6.82
CA THR A 115 -1.15 3.32 5.69
C THR A 115 -0.91 4.23 4.49
N ASN A 116 -0.47 3.66 3.38
CA ASN A 116 -0.27 4.45 2.13
C ASN A 116 -1.57 4.57 1.36
N SER A 117 -2.41 3.53 1.32
CA SER A 117 -3.56 3.47 0.40
C SER A 117 -4.83 3.05 1.15
N GLY A 118 -5.97 3.37 0.56
CA GLY A 118 -7.28 2.86 1.00
C GLY A 118 -7.31 1.34 0.97
N SER A 119 -6.73 0.71 -0.05
CA SER A 119 -6.67 -0.76 -0.16
C SER A 119 -5.92 -1.34 1.04
N GLU A 120 -4.71 -0.82 1.33
CA GLU A 120 -3.93 -1.26 2.51
C GLU A 120 -4.74 -1.03 3.79
N ALA A 121 -5.45 0.10 3.87
CA ALA A 121 -6.20 0.47 5.10
C ALA A 121 -7.31 -0.57 5.33
N ASN A 122 -8.08 -0.90 4.31
CA ASN A 122 -9.19 -1.89 4.48
C ASN A 122 -8.60 -3.27 4.75
N ASP A 123 -7.50 -3.61 4.09
CA ASP A 123 -6.79 -4.88 4.30
C ASP A 123 -6.35 -4.96 5.78
N THR A 124 -5.80 -3.86 6.29
CA THR A 124 -5.38 -3.73 7.71
C THR A 124 -6.60 -3.89 8.64
N VAL A 125 -7.73 -3.28 8.30
CA VAL A 125 -8.96 -3.39 9.12
C VAL A 125 -9.36 -4.87 9.22
N VAL A 126 -9.33 -5.61 8.10
CA VAL A 126 -9.63 -7.06 8.12
C VAL A 126 -8.70 -7.74 9.13
N LYS A 127 -7.40 -7.50 9.04
CA LYS A 127 -6.43 -8.14 9.95
C LYS A 127 -6.71 -7.74 11.40
N PHE A 128 -7.04 -6.47 11.65
CA PHE A 128 -7.18 -5.92 13.02
C PHE A 128 -8.44 -6.52 13.66
N VAL A 129 -9.48 -6.72 12.85
CA VAL A 129 -10.76 -7.33 13.33
C VAL A 129 -10.51 -8.81 13.68
N TRP A 130 -9.77 -9.55 12.86
CA TRP A 130 -9.41 -10.97 13.13
C TRP A 130 -8.55 -11.04 14.40
N TYR A 131 -7.59 -10.14 14.53
CA TYR A 131 -6.70 -10.03 15.71
C TYR A 131 -7.55 -9.76 16.96
N LEU A 132 -8.47 -8.80 16.87
CA LEU A 132 -9.35 -8.37 17.98
C LEU A 132 -10.15 -9.57 18.48
N ASN A 133 -10.84 -10.25 17.57
CA ASN A 133 -11.79 -11.32 17.95
C ASN A 133 -11.01 -12.53 18.45
N ASN A 134 -9.79 -12.80 17.94
CA ASN A 134 -8.87 -13.80 18.56
C ASN A 134 -8.55 -13.36 19.99
N ALA A 135 -8.21 -12.08 20.22
CA ALA A 135 -7.88 -11.50 21.54
C ALA A 135 -9.06 -11.69 22.51
N LEU A 136 -10.29 -11.51 22.02
CA LEU A 136 -11.53 -11.53 22.85
C LEU A 136 -11.98 -12.96 23.09
N GLY A 137 -11.29 -13.97 22.54
CA GLY A 137 -11.67 -15.39 22.62
C GLY A 137 -12.94 -15.67 21.81
N LYS A 138 -13.07 -15.07 20.63
CA LYS A 138 -14.15 -15.34 19.66
C LYS A 138 -13.54 -15.75 18.33
N PRO A 139 -12.83 -16.90 18.27
CA PRO A 139 -12.11 -17.29 17.05
C PRO A 139 -13.00 -17.56 15.82
N ALA A 140 -14.30 -17.80 16.00
CA ALA A 140 -15.23 -18.03 14.88
C ALA A 140 -15.68 -16.69 14.27
N LYS A 141 -15.58 -15.58 15.01
CA LYS A 141 -16.21 -14.27 14.68
C LYS A 141 -15.28 -13.53 13.70
N LYS A 142 -15.28 -13.95 12.43
CA LYS A 142 -14.25 -13.56 11.44
C LYS A 142 -14.84 -13.12 10.09
N LYS A 143 -16.11 -13.39 9.78
CA LYS A 143 -16.64 -13.12 8.43
C LYS A 143 -16.93 -11.62 8.28
N PHE A 144 -16.71 -11.12 7.07
CA PHE A 144 -17.04 -9.73 6.70
C PHE A 144 -18.25 -9.76 5.78
N ILE A 145 -19.15 -8.80 5.97
CA ILE A 145 -20.30 -8.54 5.04
C ILE A 145 -20.08 -7.19 4.39
N SER A 146 -20.09 -7.17 3.08
CA SER A 146 -20.06 -5.94 2.27
C SER A 146 -21.19 -6.01 1.25
N ARG A 147 -21.29 -5.02 0.36
CA ARG A 147 -22.40 -4.91 -0.61
C ARG A 147 -21.91 -5.18 -2.03
N VAL A 148 -22.77 -5.77 -2.85
CA VAL A 148 -22.61 -5.78 -4.33
C VAL A 148 -22.37 -4.33 -4.77
N ASN A 149 -21.38 -4.14 -5.66
CA ASN A 149 -20.97 -2.83 -6.23
C ASN A 149 -20.29 -1.91 -5.21
N GLY A 150 -20.02 -2.37 -3.98
CA GLY A 150 -19.15 -1.64 -3.04
C GLY A 150 -17.75 -1.63 -3.58
N TYR A 151 -16.98 -0.58 -3.29
CA TYR A 151 -15.53 -0.52 -3.62
C TYR A 151 -14.74 -0.26 -2.35
N HIS A 152 -13.84 -1.19 -2.04
CA HIS A 152 -13.02 -1.17 -0.81
C HIS A 152 -11.55 -1.40 -1.15
N GLY A 153 -11.19 -1.40 -2.43
CA GLY A 153 -9.80 -1.53 -2.86
C GLY A 153 -9.51 -2.85 -3.53
N VAL A 154 -8.22 -3.15 -3.71
CA VAL A 154 -7.76 -4.13 -4.74
C VAL A 154 -6.77 -5.14 -4.16
N THR A 155 -6.46 -5.17 -2.86
CA THR A 155 -5.60 -6.26 -2.35
C THR A 155 -6.41 -7.56 -2.40
N VAL A 156 -5.76 -8.69 -2.23
CA VAL A 156 -6.49 -9.98 -2.19
C VAL A 156 -7.67 -9.87 -1.22
N ALA A 157 -7.47 -9.34 -0.02
CA ALA A 157 -8.54 -9.21 0.99
C ALA A 157 -9.49 -8.03 0.67
N SER A 158 -8.98 -6.84 0.37
CA SER A 158 -9.88 -5.69 0.14
C SER A 158 -10.66 -5.87 -1.16
N ALA A 159 -10.11 -6.53 -2.19
CA ALA A 159 -10.86 -6.83 -3.44
C ALA A 159 -11.93 -7.92 -3.15
N SER A 160 -11.75 -8.70 -2.08
CA SER A 160 -12.80 -9.67 -1.61
C SER A 160 -13.95 -8.88 -0.96
N LEU A 161 -13.64 -7.80 -0.23
CA LEU A 161 -14.66 -6.86 0.31
C LEU A 161 -15.36 -6.15 -0.85
N THR A 162 -14.60 -5.67 -1.83
CA THR A 162 -15.14 -5.02 -3.04
C THR A 162 -16.24 -5.91 -3.64
N GLY A 163 -17.33 -5.31 -4.10
CA GLY A 163 -18.48 -6.02 -4.70
C GLY A 163 -18.57 -5.82 -6.20
N LEU A 164 -17.54 -5.26 -6.84
CA LEU A 164 -17.55 -5.03 -8.30
C LEU A 164 -16.94 -6.24 -8.99
N PRO A 165 -17.68 -6.90 -9.91
CA PRO A 165 -17.16 -8.05 -10.63
C PRO A 165 -15.81 -7.84 -11.34
N GLY A 166 -15.58 -6.64 -11.89
CA GLY A 166 -14.32 -6.31 -12.60
C GLY A 166 -13.11 -6.51 -11.72
N ASN A 167 -13.28 -6.37 -10.40
CA ASN A 167 -12.17 -6.51 -9.41
C ASN A 167 -11.97 -7.97 -9.00
N GLN A 168 -12.87 -8.88 -9.39
CA GLN A 168 -12.84 -10.29 -8.90
C GLN A 168 -12.64 -11.28 -10.04
N ARG A 169 -13.23 -11.04 -11.20
CA ARG A 169 -13.18 -11.96 -12.37
C ARG A 169 -11.73 -12.20 -12.79
N GLY A 170 -11.27 -13.46 -12.80
CA GLY A 170 -9.92 -13.84 -13.24
C GLY A 170 -8.92 -13.86 -12.09
N PHE A 171 -9.30 -13.36 -10.92
CA PHE A 171 -8.41 -13.19 -9.74
C PHE A 171 -8.74 -14.21 -8.64
N ASP A 172 -9.67 -15.14 -8.92
CA ASP A 172 -10.13 -16.18 -7.94
C ASP A 172 -10.64 -15.53 -6.65
N LEU A 173 -11.37 -14.41 -6.73
CA LEU A 173 -11.96 -13.71 -5.56
C LEU A 173 -13.47 -13.74 -5.65
N PRO A 174 -14.23 -13.54 -4.55
CA PRO A 174 -13.67 -13.29 -3.22
C PRO A 174 -13.08 -14.53 -2.53
N LEU A 175 -12.14 -14.30 -1.61
CA LEU A 175 -11.72 -15.30 -0.60
C LEU A 175 -12.96 -15.80 0.14
N PRO A 176 -12.91 -17.03 0.70
CA PRO A 176 -13.94 -17.46 1.65
C PRO A 176 -14.07 -16.50 2.84
N GLY A 177 -15.29 -16.29 3.33
CA GLY A 177 -15.56 -15.52 4.57
C GLY A 177 -15.80 -14.06 4.29
N PHE A 178 -15.86 -13.70 3.02
CA PHE A 178 -16.21 -12.34 2.53
C PHE A 178 -17.54 -12.45 1.79
N LEU A 179 -18.61 -12.07 2.48
CA LEU A 179 -20.01 -12.24 2.03
C LEU A 179 -20.53 -10.90 1.51
N HIS A 180 -21.46 -10.95 0.56
CA HIS A 180 -22.02 -9.75 -0.09
C HIS A 180 -23.54 -9.78 -0.03
N VAL A 181 -24.13 -8.69 0.43
CA VAL A 181 -25.59 -8.43 0.40
C VAL A 181 -25.86 -7.39 -0.69
N GLY A 182 -27.11 -7.00 -0.84
CA GLY A 182 -27.62 -6.30 -2.04
C GLY A 182 -27.07 -4.90 -2.14
N CYS A 183 -26.87 -4.48 -3.38
CA CYS A 183 -26.63 -3.06 -3.76
C CYS A 183 -27.88 -2.25 -3.44
N PRO A 184 -27.80 -1.23 -2.55
CA PRO A 184 -28.96 -0.46 -2.12
C PRO A 184 -29.34 0.65 -3.11
N HIS A 185 -29.66 0.23 -4.34
CA HIS A 185 -29.97 1.13 -5.48
C HIS A 185 -31.45 0.95 -5.84
N HIS A 186 -32.29 1.88 -5.40
CA HIS A 186 -33.77 1.83 -5.54
C HIS A 186 -34.13 1.69 -7.02
N TYR A 187 -33.51 2.47 -7.90
CA TYR A 187 -33.81 2.50 -9.35
C TYR A 187 -33.65 1.10 -9.98
N ARG A 188 -32.71 0.29 -9.51
CA ARG A 188 -32.39 -1.02 -10.15
C ARG A 188 -32.99 -2.19 -9.37
N PHE A 189 -33.18 -2.08 -8.05
CA PHE A 189 -33.43 -3.26 -7.19
C PHE A 189 -34.72 -3.13 -6.37
N ALA A 190 -35.38 -1.97 -6.31
CA ALA A 190 -36.71 -1.86 -5.65
C ALA A 190 -37.72 -2.69 -6.45
N LEU A 191 -38.72 -3.27 -5.76
CA LEU A 191 -39.87 -3.97 -6.38
C LEU A 191 -40.75 -2.90 -7.05
N ALA A 192 -41.60 -3.29 -8.01
CA ALA A 192 -42.57 -2.40 -8.66
C ALA A 192 -43.37 -1.67 -7.58
N GLY A 193 -43.30 -0.33 -7.55
CA GLY A 193 -44.09 0.55 -6.67
C GLY A 193 -43.70 0.46 -5.20
N GLU A 194 -42.46 0.03 -4.89
CA GLU A 194 -41.90 -0.05 -3.50
C GLU A 194 -41.33 1.32 -3.11
N SER A 195 -41.67 1.85 -1.93
CA SER A 195 -41.11 3.12 -1.39
C SER A 195 -39.64 2.90 -1.03
N GLU A 196 -38.88 3.97 -0.83
CA GLU A 196 -37.47 3.91 -0.36
C GLU A 196 -37.43 3.23 1.01
N GLU A 197 -38.35 3.60 1.90
CA GLU A 197 -38.41 3.09 3.30
C GLU A 197 -38.70 1.58 3.29
N HIS A 198 -39.62 1.10 2.44
CA HIS A 198 -39.95 -0.35 2.27
C HIS A 198 -38.73 -1.09 1.73
N PHE A 199 -38.02 -0.46 0.78
CA PHE A 199 -36.78 -1.02 0.17
C PHE A 199 -35.73 -1.17 1.28
N ALA A 200 -35.54 -0.13 2.11
CA ALA A 200 -34.63 -0.12 3.27
C ALA A 200 -34.98 -1.27 4.21
N ASP A 201 -36.26 -1.41 4.57
CA ASP A 201 -36.76 -2.54 5.41
C ASP A 201 -36.29 -3.87 4.83
N ARG A 202 -36.51 -4.09 3.53
CA ARG A 202 -36.20 -5.36 2.85
C ARG A 202 -34.68 -5.61 2.85
N LEU A 203 -33.89 -4.55 2.68
CA LEU A 203 -32.40 -4.68 2.70
C LEU A 203 -31.94 -5.04 4.12
N ALA A 204 -32.54 -4.44 5.15
CA ALA A 204 -32.25 -4.74 6.57
C ALA A 204 -32.61 -6.20 6.88
N VAL A 205 -33.74 -6.67 6.32
CA VAL A 205 -34.17 -8.10 6.44
C VAL A 205 -33.15 -9.01 5.74
N GLU A 206 -32.72 -8.66 4.52
CA GLU A 206 -31.69 -9.44 3.77
C GLU A 206 -30.45 -9.62 4.65
N LEU A 207 -29.98 -8.53 5.27
CA LEU A 207 -28.76 -8.54 6.11
C LEU A 207 -29.00 -9.48 7.31
N GLU A 208 -30.09 -9.26 8.07
CA GLU A 208 -30.45 -10.10 9.25
C GLU A 208 -30.50 -11.57 8.82
N GLN A 209 -31.18 -11.88 7.70
CA GLN A 209 -31.32 -13.27 7.19
C GLN A 209 -29.94 -13.84 6.85
N LYS A 210 -29.06 -13.04 6.25
CA LYS A 210 -27.66 -13.46 5.93
C LYS A 210 -26.93 -13.80 7.23
N ILE A 211 -27.06 -12.94 8.26
CA ILE A 211 -26.39 -13.11 9.58
C ILE A 211 -26.86 -14.43 10.20
N LEU A 212 -28.18 -14.66 10.22
CA LEU A 212 -28.80 -15.86 10.83
C LEU A 212 -28.39 -17.11 10.03
N ALA A 213 -28.42 -17.05 8.70
CA ALA A 213 -28.04 -18.18 7.81
C ALA A 213 -26.58 -18.59 8.04
N GLU A 214 -25.68 -17.63 8.31
CA GLU A 214 -24.22 -17.91 8.44
C GLU A 214 -23.88 -18.26 9.88
N GLY A 215 -24.70 -17.85 10.83
CA GLY A 215 -24.44 -17.95 12.29
C GLY A 215 -23.96 -16.61 12.82
N PRO A 216 -24.77 -15.87 13.62
CA PRO A 216 -24.37 -14.56 14.12
C PRO A 216 -22.98 -14.53 14.79
N GLU A 217 -22.60 -15.61 15.46
CA GLU A 217 -21.32 -15.74 16.20
C GLU A 217 -20.13 -15.72 15.22
N THR A 218 -20.37 -15.92 13.91
CA THR A 218 -19.30 -16.00 12.87
C THR A 218 -19.12 -14.68 12.12
N ILE A 219 -19.97 -13.68 12.36
CA ILE A 219 -19.96 -12.37 11.63
C ILE A 219 -19.22 -11.33 12.48
N ALA A 220 -18.07 -10.83 11.99
CA ALA A 220 -17.22 -9.85 12.72
C ALA A 220 -17.68 -8.43 12.40
N ALA A 221 -18.00 -8.13 11.15
CA ALA A 221 -18.09 -6.72 10.71
C ALA A 221 -18.91 -6.59 9.43
N PHE A 222 -19.55 -5.44 9.34
CA PHE A 222 -20.24 -4.92 8.14
C PHE A 222 -19.48 -3.67 7.69
N ILE A 223 -19.05 -3.63 6.43
CA ILE A 223 -18.33 -2.45 5.88
C ILE A 223 -19.14 -1.87 4.73
N GLY A 224 -19.28 -0.55 4.70
CA GLY A 224 -19.92 0.16 3.60
C GLY A 224 -19.40 1.57 3.46
N GLU A 225 -19.30 2.02 2.21
CA GLU A 225 -19.20 3.45 1.88
C GLU A 225 -20.55 4.09 2.21
N PRO A 226 -20.60 5.26 2.89
CA PRO A 226 -21.88 5.90 3.18
C PRO A 226 -22.74 6.04 1.91
N LEU A 227 -22.17 6.58 0.84
CA LEU A 227 -22.70 6.40 -0.54
C LEU A 227 -21.61 5.75 -1.39
N MET A 228 -22.02 4.89 -2.32
CA MET A 228 -21.07 4.06 -3.10
C MET A 228 -20.54 4.90 -4.27
N GLY A 229 -19.25 5.22 -4.24
CA GLY A 229 -18.59 6.08 -5.24
C GLY A 229 -18.32 5.35 -6.53
N ALA A 230 -17.28 4.51 -6.56
CA ALA A 230 -16.83 3.79 -7.76
C ALA A 230 -17.95 2.93 -8.32
N GLY A 231 -18.89 2.48 -7.49
CA GLY A 231 -19.99 1.59 -7.91
C GLY A 231 -21.11 2.32 -8.65
N GLY A 232 -21.02 3.63 -8.80
CA GLY A 232 -21.92 4.41 -9.66
C GLY A 232 -22.62 5.56 -8.95
N VAL A 233 -22.09 6.05 -7.83
CA VAL A 233 -22.68 7.17 -7.05
C VAL A 233 -24.07 6.71 -6.62
N ILE A 234 -24.10 5.58 -5.91
CA ILE A 234 -25.36 4.93 -5.43
C ILE A 234 -25.67 5.53 -4.06
N VAL A 235 -26.68 6.40 -4.01
CA VAL A 235 -27.19 6.98 -2.74
C VAL A 235 -28.14 5.96 -2.14
N PRO A 236 -27.92 5.53 -0.87
CA PRO A 236 -28.79 4.53 -0.26
C PRO A 236 -30.17 5.12 -0.04
N PRO A 237 -31.23 4.29 0.04
CA PRO A 237 -32.57 4.79 0.30
C PRO A 237 -32.68 5.38 1.71
N ARG A 238 -33.55 6.37 1.89
CA ARG A 238 -33.91 6.95 3.22
C ARG A 238 -34.11 5.80 4.23
N THR A 239 -33.54 5.96 5.43
CA THR A 239 -33.63 5.05 6.61
C THR A 239 -32.73 3.80 6.46
N TYR A 240 -32.00 3.62 5.35
CA TYR A 240 -31.13 2.43 5.14
C TYR A 240 -30.12 2.31 6.29
N TRP A 241 -29.35 3.36 6.55
CA TRP A 241 -28.21 3.28 7.52
C TRP A 241 -28.75 3.10 8.95
N GLU A 242 -29.84 3.78 9.29
CA GLU A 242 -30.53 3.60 10.60
C GLU A 242 -30.86 2.12 10.79
N LYS A 243 -31.54 1.50 9.83
CA LYS A 243 -32.06 0.13 9.96
C LYS A 243 -30.92 -0.89 9.88
N ILE A 244 -29.91 -0.66 9.03
CA ILE A 244 -28.75 -1.59 8.91
C ILE A 244 -27.99 -1.61 10.24
N GLN A 245 -27.81 -0.43 10.83
CA GLN A 245 -27.02 -0.30 12.09
C GLN A 245 -27.76 -1.01 13.22
N LYS A 246 -29.09 -0.86 13.30
CA LYS A 246 -29.93 -1.60 14.30
C LYS A 246 -29.62 -3.10 14.23
N VAL A 247 -29.61 -3.66 13.02
CA VAL A 247 -29.35 -5.12 12.79
C VAL A 247 -27.92 -5.45 13.23
N CYS A 248 -26.94 -4.61 12.91
CA CYS A 248 -25.53 -4.84 13.28
C CYS A 248 -25.39 -4.82 14.81
N ARG A 249 -25.93 -3.79 15.49
CA ARG A 249 -25.83 -3.65 16.97
C ARG A 249 -26.53 -4.85 17.62
N LYS A 250 -27.64 -5.30 17.04
CA LYS A 250 -28.39 -6.48 17.53
C LYS A 250 -27.46 -7.70 17.65
N TYR A 251 -26.49 -7.89 16.74
CA TYR A 251 -25.66 -9.14 16.69
C TYR A 251 -24.20 -8.83 17.01
N ASP A 252 -23.92 -7.69 17.63
CA ASP A 252 -22.56 -7.30 18.10
C ASP A 252 -21.60 -7.30 16.89
N ILE A 253 -22.05 -6.77 15.75
CA ILE A 253 -21.25 -6.70 14.48
C ILE A 253 -20.66 -5.29 14.38
N LEU A 254 -19.36 -5.18 14.16
CA LEU A 254 -18.70 -3.86 14.00
C LEU A 254 -19.25 -3.19 12.74
N VAL A 255 -19.44 -1.88 12.79
CA VAL A 255 -19.87 -1.05 11.63
C VAL A 255 -18.65 -0.26 11.18
N ILE A 256 -18.18 -0.53 9.97
CA ILE A 256 -16.98 0.13 9.38
C ILE A 256 -17.48 1.06 8.27
N ALA A 257 -17.24 2.36 8.41
CA ALA A 257 -17.57 3.39 7.40
C ALA A 257 -16.32 3.58 6.53
N ASP A 258 -16.38 3.13 5.30
CA ASP A 258 -15.30 3.38 4.30
C ASP A 258 -15.57 4.77 3.73
N GLU A 259 -14.87 5.79 4.24
CA GLU A 259 -15.03 7.21 3.85
C GLU A 259 -13.93 7.61 2.86
N VAL A 260 -13.34 6.65 2.12
CA VAL A 260 -12.22 7.00 1.21
C VAL A 260 -12.68 8.06 0.18
N ILE A 261 -13.90 7.95 -0.36
CA ILE A 261 -14.43 9.02 -1.27
C ILE A 261 -15.21 10.08 -0.48
N CYS A 262 -16.06 9.70 0.47
CA CYS A 262 -16.95 10.67 1.16
C CYS A 262 -16.15 11.64 2.05
N GLY A 263 -14.99 11.21 2.57
CA GLY A 263 -14.24 11.98 3.57
C GLY A 263 -13.87 13.39 3.11
N PHE A 264 -14.04 14.37 3.98
CA PHE A 264 -13.50 15.75 3.87
C PHE A 264 -14.33 16.56 2.86
N GLY A 265 -15.66 16.51 2.98
CA GLY A 265 -16.55 17.54 2.40
C GLY A 265 -17.19 17.14 1.10
N ARG A 266 -17.07 15.88 0.67
CA ARG A 266 -17.60 15.46 -0.65
C ARG A 266 -19.13 15.52 -0.66
N THR A 267 -19.79 15.15 0.44
CA THR A 267 -21.25 14.90 0.49
C THR A 267 -22.00 16.11 1.05
N GLY A 268 -21.33 17.24 1.30
CA GLY A 268 -21.97 18.47 1.83
C GLY A 268 -21.78 18.62 3.33
N GLN A 269 -21.25 17.60 3.99
CA GLN A 269 -20.77 17.67 5.40
C GLN A 269 -19.35 17.11 5.42
N MET A 270 -18.64 17.24 6.53
CA MET A 270 -17.22 16.83 6.59
C MET A 270 -17.12 15.33 6.26
N PHE A 271 -18.02 14.50 6.78
CA PHE A 271 -18.00 13.04 6.57
C PHE A 271 -19.36 12.53 6.07
N GLY A 272 -19.33 11.51 5.22
CA GLY A 272 -20.53 10.77 4.81
C GLY A 272 -21.27 10.19 6.01
N SER A 273 -20.54 9.83 7.06
CA SER A 273 -21.10 9.32 8.35
C SER A 273 -22.04 10.37 8.96
N GLN A 274 -21.72 11.65 8.81
CA GLN A 274 -22.58 12.78 9.27
C GLN A 274 -23.81 12.87 8.35
N THR A 275 -23.59 12.93 7.03
CA THR A 275 -24.67 13.05 6.03
C THR A 275 -25.70 11.93 6.22
N PHE A 276 -25.26 10.69 6.48
CA PHE A 276 -26.15 9.49 6.43
C PHE A 276 -26.44 8.95 7.85
N GLY A 277 -26.00 9.65 8.89
CA GLY A 277 -26.23 9.28 10.31
C GLY A 277 -25.64 7.92 10.64
N ILE A 278 -24.36 7.71 10.36
CA ILE A 278 -23.63 6.46 10.70
C ILE A 278 -22.80 6.75 11.96
N GLN A 279 -22.82 5.82 12.91
CA GLN A 279 -22.00 5.89 14.15
C GLN A 279 -21.03 4.72 14.08
N PRO A 280 -19.96 4.83 13.26
CA PRO A 280 -19.10 3.67 13.02
C PRO A 280 -18.16 3.38 14.19
N ASP A 281 -17.75 2.12 14.32
CA ASP A 281 -16.69 1.65 15.24
C ASP A 281 -15.31 1.97 14.64
N ILE A 282 -15.21 1.89 13.31
CA ILE A 282 -13.95 2.07 12.55
C ILE A 282 -14.27 2.96 11.35
N MET A 283 -13.40 3.91 11.04
CA MET A 283 -13.51 4.74 9.81
C MET A 283 -12.22 4.59 9.00
N VAL A 284 -12.36 4.53 7.68
CA VAL A 284 -11.21 4.48 6.75
C VAL A 284 -11.25 5.75 5.89
N LEU A 285 -10.11 6.43 5.82
CA LEU A 285 -9.96 7.74 5.13
C LEU A 285 -8.77 7.69 4.17
N SER A 286 -8.91 8.34 3.03
CA SER A 286 -7.79 8.49 2.06
C SER A 286 -8.11 9.62 1.09
N LYS A 287 -7.50 9.60 -0.10
CA LYS A 287 -7.90 10.44 -1.26
C LYS A 287 -7.87 11.92 -0.85
N GLN A 288 -9.03 12.50 -0.52
CA GLN A 288 -9.09 13.94 -0.22
C GLN A 288 -8.29 14.28 1.05
N LEU A 289 -7.93 13.29 1.86
CA LEU A 289 -7.08 13.48 3.06
C LEU A 289 -5.86 14.34 2.71
N SER A 290 -5.24 14.12 1.55
CA SER A 290 -4.02 14.84 1.12
C SER A 290 -4.23 15.53 -0.23
N SER A 291 -5.47 15.63 -0.72
CA SER A 291 -5.80 16.00 -2.12
C SER A 291 -5.02 15.09 -3.08
N SER A 292 -4.69 13.88 -2.63
CA SER A 292 -3.85 12.91 -3.41
C SER A 292 -2.47 13.51 -3.75
N TYR A 293 -2.03 14.61 -3.12
CA TYR A 293 -0.66 15.15 -3.38
C TYR A 293 0.38 14.17 -2.86
N GLN A 294 -0.01 13.33 -1.90
CA GLN A 294 0.86 12.28 -1.32
C GLN A 294 0.00 11.06 -1.06
N PRO A 295 0.55 9.84 -1.26
CA PRO A 295 -0.18 8.63 -0.90
C PRO A 295 -0.26 8.49 0.62
N ILE A 296 -1.47 8.57 1.15
CA ILE A 296 -1.70 8.35 2.60
C ILE A 296 -3.16 7.95 2.80
N ALA A 297 -3.37 7.06 3.75
CA ALA A 297 -4.69 6.69 4.25
C ALA A 297 -4.60 6.58 5.77
N ALA A 298 -5.76 6.58 6.42
CA ALA A 298 -5.81 6.56 7.89
C ALA A 298 -6.98 5.70 8.31
N ILE A 299 -6.76 4.90 9.33
CA ILE A 299 -7.82 4.10 10.00
C ILE A 299 -8.05 4.76 11.35
N LEU A 300 -9.30 5.12 11.65
CA LEU A 300 -9.70 5.58 13.01
C LEU A 300 -10.39 4.39 13.68
N ILE A 301 -9.92 4.00 14.87
CA ILE A 301 -10.56 2.91 15.67
C ILE A 301 -11.09 3.50 16.98
N ASN A 302 -12.23 3.00 17.43
CA ASN A 302 -12.84 3.51 18.69
C ASN A 302 -12.18 2.80 19.87
N ALA A 303 -12.60 3.18 21.09
CA ALA A 303 -11.98 2.71 22.35
C ALA A 303 -12.02 1.19 22.45
N PRO A 304 -13.18 0.49 22.33
CA PRO A 304 -13.20 -0.96 22.47
C PRO A 304 -12.29 -1.70 21.47
N VAL A 305 -12.22 -1.22 20.23
CA VAL A 305 -11.32 -1.88 19.24
C VAL A 305 -9.87 -1.66 19.68
N PHE A 306 -9.48 -0.45 20.07
CA PHE A 306 -8.09 -0.16 20.51
C PHE A 306 -7.75 -1.03 21.73
N GLU A 307 -8.64 -1.06 22.73
CA GLU A 307 -8.30 -1.72 24.03
C GLU A 307 -8.04 -3.21 23.76
N GLY A 308 -8.86 -3.88 22.96
CA GLY A 308 -8.66 -5.30 22.59
C GLY A 308 -7.35 -5.51 21.83
N ILE A 309 -7.10 -4.68 20.81
CA ILE A 309 -5.86 -4.81 20.00
C ILE A 309 -4.65 -4.57 20.90
N ALA A 310 -4.70 -3.54 21.74
CA ALA A 310 -3.59 -3.15 22.62
C ALA A 310 -3.23 -4.30 23.57
N ASP A 311 -4.24 -4.91 24.18
CA ASP A 311 -4.05 -6.07 25.10
C ASP A 311 -3.33 -7.18 24.34
N GLN A 312 -3.77 -7.54 23.14
CA GLN A 312 -3.16 -8.65 22.37
C GLN A 312 -1.74 -8.29 21.93
N SER A 313 -1.45 -7.03 21.61
CA SER A 313 -0.09 -6.58 21.19
C SER A 313 0.88 -6.78 22.35
N GLN A 314 0.40 -6.64 23.58
CA GLN A 314 1.19 -6.88 24.83
C GLN A 314 1.43 -8.39 24.96
N ALA A 315 0.38 -9.20 24.88
CA ALA A 315 0.46 -10.67 25.00
C ALA A 315 1.40 -11.26 23.95
N LEU A 316 1.37 -10.74 22.71
CA LEU A 316 2.16 -11.30 21.58
C LEU A 316 3.46 -10.53 21.37
N GLY A 317 3.82 -9.60 22.26
CA GLY A 317 5.15 -8.96 22.29
C GLY A 317 5.14 -7.59 21.60
N ALA A 318 4.55 -7.52 20.41
CA ALA A 318 4.33 -6.27 19.65
C ALA A 318 3.24 -6.52 18.61
N LEU A 319 2.57 -5.47 18.15
CA LEU A 319 1.63 -5.54 17.01
C LEU A 319 2.40 -5.84 15.72
N GLY A 320 2.24 -7.05 15.19
CA GLY A 320 3.09 -7.55 14.09
C GLY A 320 2.57 -7.07 12.76
N HIS A 321 2.47 -5.76 12.58
CA HIS A 321 1.83 -5.14 11.39
C HIS A 321 2.37 -3.73 11.19
N GLY A 322 2.64 -3.35 9.94
CA GLY A 322 3.06 -1.98 9.64
C GLY A 322 3.63 -1.91 8.24
N PHE A 323 3.52 -0.76 7.61
CA PHE A 323 4.12 -0.46 6.30
C PHE A 323 5.30 0.48 6.53
N THR A 324 6.35 0.32 5.74
CA THR A 324 7.49 1.26 5.73
C THR A 324 6.98 2.70 5.70
N GLY A 325 6.03 2.99 4.83
CA GLY A 325 5.46 4.33 4.62
C GLY A 325 4.41 4.74 5.64
N SER A 326 4.03 3.88 6.59
CA SER A 326 2.98 4.19 7.59
C SER A 326 3.34 5.53 8.26
N GLY A 327 2.52 6.55 8.05
CA GLY A 327 2.67 7.86 8.72
C GLY A 327 3.79 8.68 8.15
N HIS A 328 4.21 8.39 6.90
CA HIS A 328 5.37 9.02 6.24
C HIS A 328 5.36 10.51 6.57
N PRO A 329 6.47 11.11 7.04
CA PRO A 329 6.44 12.49 7.52
C PRO A 329 6.04 13.52 6.46
N VAL A 330 6.42 13.30 5.20
CA VAL A 330 6.03 14.23 4.12
C VAL A 330 4.55 14.05 3.82
N ALA A 331 4.05 12.82 3.76
CA ALA A 331 2.63 12.58 3.45
C ALA A 331 1.76 13.14 4.59
N THR A 332 2.16 12.92 5.84
CA THR A 332 1.36 13.38 7.02
C THR A 332 1.43 14.92 7.10
N ALA A 333 2.58 15.52 6.79
CA ALA A 333 2.74 16.99 6.79
C ALA A 333 1.79 17.60 5.74
N VAL A 334 1.74 17.00 4.56
CA VAL A 334 0.88 17.49 3.45
C VAL A 334 -0.58 17.32 3.85
N ALA A 335 -0.98 16.16 4.37
CA ALA A 335 -2.38 15.92 4.77
C ALA A 335 -2.80 16.92 5.86
N LEU A 336 -1.93 17.17 6.83
CA LEU A 336 -2.23 18.12 7.95
C LEU A 336 -2.58 19.49 7.34
N GLU A 337 -1.74 19.99 6.44
CA GLU A 337 -1.91 21.32 5.80
C GLU A 337 -3.20 21.31 4.96
N ASN A 338 -3.47 20.19 4.27
CA ASN A 338 -4.68 20.02 3.44
C ASN A 338 -5.93 20.23 4.31
N LEU A 339 -5.99 19.56 5.47
CA LEU A 339 -7.17 19.60 6.36
C LEU A 339 -7.33 21.02 6.92
N LYS A 340 -6.22 21.68 7.23
CA LYS A 340 -6.21 23.08 7.71
C LYS A 340 -6.82 24.00 6.65
N ILE A 341 -6.48 23.81 5.38
CA ILE A 341 -7.00 24.68 4.28
C ILE A 341 -8.51 24.42 4.13
N ILE A 342 -8.94 23.16 4.15
CA ILE A 342 -10.38 22.82 3.97
C ILE A 342 -11.17 23.54 5.07
N GLU A 343 -10.64 23.55 6.29
CA GLU A 343 -11.31 24.22 7.45
C GLU A 343 -11.22 25.74 7.29
N GLU A 344 -10.06 26.32 6.99
CA GLU A 344 -9.84 27.79 6.93
C GLU A 344 -10.63 28.41 5.77
N GLU A 345 -10.75 27.71 4.64
CA GLU A 345 -11.39 28.28 3.42
C GLU A 345 -12.87 27.88 3.37
N SER A 346 -13.40 27.25 4.42
CA SER A 346 -14.83 26.83 4.53
C SER A 346 -15.23 26.06 3.26
N LEU A 347 -14.40 25.10 2.84
CA LEU A 347 -14.65 24.39 1.57
C LEU A 347 -15.76 23.35 1.71
N VAL A 348 -16.09 22.85 2.91
CA VAL A 348 -17.23 21.90 3.09
C VAL A 348 -18.51 22.65 2.70
N GLU A 349 -18.71 23.87 3.20
CA GLU A 349 -19.97 24.61 2.91
C GLU A 349 -19.93 25.07 1.44
N HIS A 350 -18.79 25.50 0.92
CA HIS A 350 -18.60 25.88 -0.50
C HIS A 350 -18.94 24.69 -1.42
N ALA A 351 -18.42 23.51 -1.12
CA ALA A 351 -18.72 22.27 -1.89
C ALA A 351 -20.22 22.01 -1.90
N ALA A 352 -20.87 22.13 -0.74
CA ALA A 352 -22.33 21.93 -0.61
C ALA A 352 -23.06 22.88 -1.57
N GLN A 353 -22.66 24.15 -1.61
CA GLN A 353 -23.31 25.16 -2.50
C GLN A 353 -23.06 24.79 -3.96
N MET A 354 -21.82 24.48 -4.30
CA MET A 354 -21.46 24.14 -5.71
C MET A 354 -22.19 22.86 -6.11
N GLY A 355 -22.35 21.91 -5.19
CA GLY A 355 -23.07 20.66 -5.45
C GLY A 355 -24.52 20.92 -5.81
N GLN A 356 -25.17 21.89 -5.17
CA GLN A 356 -26.57 22.25 -5.47
C GLN A 356 -26.64 22.76 -6.91
N LEU A 357 -25.68 23.59 -7.32
CA LEU A 357 -25.63 24.13 -8.70
C LEU A 357 -25.41 22.98 -9.69
N LEU A 358 -24.52 22.04 -9.35
CA LEU A 358 -24.20 20.90 -10.24
C LEU A 358 -25.47 20.05 -10.43
N ARG A 359 -26.11 19.67 -9.33
CA ARG A 359 -27.27 18.74 -9.38
C ARG A 359 -28.43 19.44 -10.08
N SER A 360 -28.67 20.74 -9.83
CA SER A 360 -29.76 21.50 -10.51
C SER A 360 -29.47 21.60 -12.02
N GLY A 361 -28.21 21.85 -12.40
CA GLY A 361 -27.79 21.91 -13.81
C GLY A 361 -28.06 20.59 -14.52
N LEU A 362 -27.69 19.48 -13.89
CA LEU A 362 -27.87 18.13 -14.49
C LEU A 362 -29.36 17.79 -14.58
N GLN A 363 -30.17 18.25 -13.61
CA GLN A 363 -31.62 17.90 -13.50
C GLN A 363 -32.40 18.48 -14.69
N HIS A 364 -31.88 19.50 -15.39
CA HIS A 364 -32.44 20.03 -16.67
C HIS A 364 -32.59 18.90 -17.70
N PHE A 365 -31.84 17.81 -17.56
CA PHE A 365 -31.79 16.71 -18.55
C PHE A 365 -32.60 15.50 -18.07
N ILE A 366 -33.38 15.64 -16.99
CA ILE A 366 -34.14 14.50 -16.39
C ILE A 366 -35.11 13.88 -17.41
N ASP A 367 -35.64 14.63 -18.39
CA ASP A 367 -36.64 14.12 -19.38
C ASP A 367 -35.99 13.89 -20.75
N HIS A 368 -34.66 13.84 -20.82
CA HIS A 368 -33.92 13.47 -22.06
C HIS A 368 -34.14 11.98 -22.33
N PRO A 369 -34.34 11.55 -23.59
CA PRO A 369 -34.65 10.15 -23.89
C PRO A 369 -33.58 9.12 -23.47
N LEU A 370 -32.32 9.52 -23.30
CA LEU A 370 -31.22 8.60 -22.91
C LEU A 370 -30.94 8.66 -21.41
N VAL A 371 -31.61 9.54 -20.66
CA VAL A 371 -31.32 9.70 -19.20
C VAL A 371 -32.27 8.83 -18.38
N GLY A 372 -31.73 7.79 -17.75
CA GLY A 372 -32.48 6.87 -16.87
C GLY A 372 -32.64 7.43 -15.48
N GLU A 373 -31.58 7.99 -14.91
CA GLU A 373 -31.60 8.51 -13.52
C GLU A 373 -30.50 9.56 -13.35
N ILE A 374 -30.77 10.57 -12.54
CA ILE A 374 -29.74 11.52 -12.06
C ILE A 374 -29.70 11.41 -10.55
N ARG A 375 -28.53 11.12 -10.00
CA ARG A 375 -28.41 10.92 -8.54
C ARG A 375 -27.17 11.62 -8.04
N GLY A 376 -27.10 11.77 -6.72
CA GLY A 376 -25.97 12.42 -6.08
C GLY A 376 -26.35 13.09 -4.80
N CYS A 377 -25.34 13.57 -4.09
CA CYS A 377 -25.42 14.17 -2.74
C CYS A 377 -24.22 15.10 -2.67
N GLY A 378 -24.37 16.32 -2.15
CA GLY A 378 -23.24 17.27 -2.13
C GLY A 378 -22.62 17.42 -3.51
N LEU A 379 -21.30 17.26 -3.60
CA LEU A 379 -20.53 17.55 -4.84
C LEU A 379 -20.13 16.23 -5.49
N ILE A 380 -20.94 15.19 -5.32
CA ILE A 380 -20.77 13.95 -6.13
C ILE A 380 -22.11 13.63 -6.79
N ALA A 381 -22.06 13.34 -8.08
CA ALA A 381 -23.27 13.12 -8.89
C ALA A 381 -22.98 12.10 -10.00
N ALA A 382 -24.04 11.47 -10.49
CA ALA A 382 -23.93 10.59 -11.68
C ALA A 382 -25.21 10.71 -12.50
N VAL A 383 -25.04 10.60 -13.80
CA VAL A 383 -26.16 10.50 -14.77
C VAL A 383 -26.09 9.11 -15.37
N GLU A 384 -27.08 8.28 -15.09
CA GLU A 384 -27.12 6.92 -15.65
C GLU A 384 -27.89 6.97 -16.98
N LEU A 385 -27.22 6.64 -18.07
CA LEU A 385 -27.86 6.56 -19.41
C LEU A 385 -28.43 5.15 -19.62
N VAL A 386 -29.54 5.10 -20.36
CA VAL A 386 -30.22 3.83 -20.74
C VAL A 386 -30.55 3.92 -22.23
N GLY A 387 -30.67 2.75 -22.87
CA GLY A 387 -31.12 2.63 -24.27
C GLY A 387 -32.64 2.79 -24.36
N ASP A 388 -33.35 2.52 -23.25
CA ASP A 388 -34.83 2.58 -23.16
C ASP A 388 -35.25 2.90 -21.72
N ARG A 389 -35.92 4.03 -21.52
CA ARG A 389 -36.29 4.51 -20.16
C ARG A 389 -37.34 3.60 -19.52
N VAL A 390 -38.26 3.03 -20.29
CA VAL A 390 -39.34 2.16 -19.74
C VAL A 390 -38.71 0.87 -19.17
N SER A 391 -37.95 0.13 -19.97
CA SER A 391 -37.34 -1.17 -19.57
C SER A 391 -36.08 -0.93 -18.73
N LYS A 392 -35.48 0.26 -18.83
CA LYS A 392 -34.18 0.62 -18.19
C LYS A 392 -33.05 -0.21 -18.80
N ALA A 393 -33.25 -0.75 -20.00
CA ALA A 393 -32.28 -1.65 -20.68
C ALA A 393 -31.14 -0.79 -21.23
N PRO A 394 -29.91 -1.34 -21.28
CA PRO A 394 -28.80 -0.64 -21.92
C PRO A 394 -28.95 -0.59 -23.44
N TYR A 395 -28.24 0.30 -24.10
CA TYR A 395 -27.99 0.25 -25.56
C TYR A 395 -26.91 -0.81 -25.82
N GLN A 396 -27.22 -1.84 -26.59
CA GLN A 396 -26.31 -2.97 -26.95
C GLN A 396 -26.04 -3.84 -25.71
N ALA A 397 -25.28 -3.32 -24.74
CA ALA A 397 -24.81 -4.06 -23.56
C ALA A 397 -24.38 -3.04 -22.51
N LEU A 398 -24.46 -3.38 -21.23
CA LEU A 398 -24.11 -2.45 -20.14
C LEU A 398 -22.72 -1.89 -20.46
N GLY A 399 -22.57 -0.56 -20.42
CA GLY A 399 -21.28 0.12 -20.55
C GLY A 399 -21.06 0.77 -21.90
N THR A 400 -21.82 0.40 -22.94
CA THR A 400 -21.62 0.98 -24.30
C THR A 400 -21.85 2.50 -24.28
N LEU A 401 -22.96 2.94 -23.70
CA LEU A 401 -23.32 4.38 -23.62
C LEU A 401 -22.29 5.13 -22.76
N GLY A 402 -21.95 4.58 -21.60
CA GLY A 402 -21.00 5.20 -20.66
C GLY A 402 -19.65 5.41 -21.31
N ARG A 403 -19.17 4.41 -22.05
CA ARG A 403 -17.85 4.52 -22.71
C ARG A 403 -17.88 5.63 -23.77
N TYR A 404 -18.93 5.67 -24.58
CA TYR A 404 -19.06 6.67 -25.66
C TYR A 404 -19.19 8.09 -25.03
N MET A 405 -20.01 8.23 -24.01
CA MET A 405 -20.21 9.54 -23.30
C MET A 405 -18.88 10.04 -22.76
N ALA A 406 -18.14 9.21 -22.03
CA ALA A 406 -16.88 9.63 -21.39
C ALA A 406 -15.90 10.09 -22.48
N GLY A 407 -15.87 9.38 -23.62
CA GLY A 407 -15.03 9.73 -24.77
C GLY A 407 -15.41 11.08 -25.35
N ARG A 408 -16.71 11.32 -25.54
CA ARG A 408 -17.19 12.62 -26.08
C ARG A 408 -16.86 13.74 -25.09
N ALA A 409 -17.05 13.52 -23.79
CA ALA A 409 -16.72 14.54 -22.76
C ALA A 409 -15.24 14.91 -22.91
N GLN A 410 -14.36 13.93 -23.10
CA GLN A 410 -12.90 14.21 -23.25
C GLN A 410 -12.68 15.07 -24.50
N GLU A 411 -13.35 14.76 -25.61
CA GLU A 411 -13.24 15.55 -26.86
C GLU A 411 -13.67 17.00 -26.57
N HIS A 412 -14.66 17.20 -25.70
CA HIS A 412 -15.19 18.55 -25.35
C HIS A 412 -14.41 19.15 -24.17
N GLY A 413 -13.24 18.61 -23.80
CA GLY A 413 -12.37 19.17 -22.76
C GLY A 413 -12.87 18.90 -21.35
N MET A 414 -13.38 17.71 -21.08
CA MET A 414 -13.76 17.33 -19.71
C MET A 414 -13.42 15.86 -19.46
N ILE A 415 -12.70 15.59 -18.38
CA ILE A 415 -12.42 14.20 -17.95
C ILE A 415 -13.49 13.77 -16.95
N THR A 416 -14.28 12.77 -17.33
CA THR A 416 -15.34 12.14 -16.51
C THR A 416 -15.02 10.64 -16.50
N ARG A 417 -15.61 9.90 -15.58
CA ARG A 417 -15.41 8.44 -15.47
C ARG A 417 -16.74 7.79 -15.75
N ALA A 418 -16.75 6.75 -16.59
CA ALA A 418 -17.94 5.89 -16.80
C ALA A 418 -17.89 4.74 -15.79
N MET A 419 -18.98 4.51 -15.07
CA MET A 419 -19.16 3.33 -14.22
C MET A 419 -20.36 2.60 -14.82
N GLY A 420 -20.10 1.62 -15.68
CA GLY A 420 -21.14 1.07 -16.58
C GLY A 420 -21.65 2.18 -17.47
N ASP A 421 -22.96 2.44 -17.44
CA ASP A 421 -23.59 3.50 -18.27
C ASP A 421 -23.84 4.77 -17.43
N ALA A 422 -23.28 4.84 -16.22
CA ALA A 422 -23.33 6.06 -15.38
C ALA A 422 -22.08 6.89 -15.67
N VAL A 423 -22.27 8.17 -15.96
CA VAL A 423 -21.15 9.15 -16.09
C VAL A 423 -21.10 9.93 -14.77
N ALA A 424 -19.93 9.96 -14.13
CA ALA A 424 -19.78 10.50 -12.76
C ALA A 424 -19.16 11.89 -12.79
N PHE A 425 -19.46 12.63 -11.75
CA PHE A 425 -18.93 13.99 -11.48
C PHE A 425 -18.49 14.03 -10.03
N CYS A 426 -17.27 14.47 -9.81
CA CYS A 426 -16.67 14.53 -8.46
C CYS A 426 -15.60 15.61 -8.48
N PRO A 427 -15.94 16.87 -8.81
CA PRO A 427 -14.92 17.87 -9.10
C PRO A 427 -14.20 18.33 -7.84
N PRO A 428 -13.05 19.03 -7.99
CA PRO A 428 -12.36 19.59 -6.83
C PRO A 428 -13.32 20.49 -6.02
N LEU A 429 -13.15 20.48 -4.71
CA LEU A 429 -14.01 21.26 -3.78
C LEU A 429 -13.90 22.74 -4.13
N ILE A 430 -12.81 23.18 -4.75
CA ILE A 430 -12.52 24.61 -5.06
C ILE A 430 -13.25 25.08 -6.34
N VAL A 431 -13.99 24.21 -7.02
CA VAL A 431 -14.69 24.55 -8.28
C VAL A 431 -15.55 25.80 -8.01
N ASN A 432 -15.62 26.72 -8.96
CA ASN A 432 -16.45 27.95 -8.83
C ASN A 432 -17.73 27.79 -9.66
N GLU A 433 -18.64 28.76 -9.55
CA GLU A 433 -19.99 28.64 -10.15
C GLU A 433 -19.91 28.49 -11.67
N GLN A 434 -19.10 29.29 -12.34
CA GLN A 434 -19.05 29.25 -13.82
C GLN A 434 -18.40 27.92 -14.23
N GLU A 435 -17.47 27.41 -13.42
CA GLU A 435 -16.82 26.09 -13.71
C GLU A 435 -17.86 24.97 -13.63
N VAL A 436 -18.74 25.01 -12.64
CA VAL A 436 -19.87 24.05 -12.56
C VAL A 436 -20.71 24.17 -13.83
N GLY A 437 -21.03 25.40 -14.27
CA GLY A 437 -21.74 25.66 -15.52
C GLY A 437 -21.05 25.02 -16.73
N MET A 438 -19.74 25.12 -16.80
CA MET A 438 -18.94 24.56 -17.91
C MET A 438 -18.95 23.03 -17.85
N ILE A 439 -18.93 22.45 -16.65
CA ILE A 439 -19.05 20.97 -16.49
C ILE A 439 -20.39 20.53 -17.08
N VAL A 440 -21.48 21.19 -16.70
CA VAL A 440 -22.85 20.82 -17.19
C VAL A 440 -22.90 21.03 -18.71
N GLU A 441 -22.31 22.10 -19.25
CA GLU A 441 -22.29 22.40 -20.71
C GLU A 441 -21.55 21.28 -21.45
N ARG A 442 -20.42 20.82 -20.92
CA ARG A 442 -19.61 19.78 -21.62
C ARG A 442 -20.33 18.44 -21.53
N PHE A 443 -20.98 18.16 -20.41
CA PHE A 443 -21.90 17.01 -20.27
C PHE A 443 -22.98 17.11 -21.36
N ALA A 444 -23.62 18.27 -21.51
CA ALA A 444 -24.71 18.48 -22.49
C ALA A 444 -24.20 18.20 -23.90
N ARG A 445 -22.99 18.68 -24.24
CA ARG A 445 -22.43 18.49 -25.60
C ARG A 445 -22.18 16.99 -25.82
N ALA A 446 -21.65 16.29 -24.82
CA ALA A 446 -21.36 14.84 -24.91
C ALA A 446 -22.69 14.08 -25.06
N LEU A 447 -23.73 14.49 -24.34
CA LEU A 447 -25.05 13.83 -24.38
C LEU A 447 -25.68 14.01 -25.77
N ASP A 448 -25.55 15.22 -26.32
CA ASP A 448 -26.05 15.51 -27.69
C ASP A 448 -25.36 14.55 -28.67
N ASP A 449 -24.03 14.48 -28.62
CA ASP A 449 -23.21 13.57 -29.47
C ASP A 449 -23.70 12.13 -29.30
N THR A 450 -23.91 11.67 -28.06
CA THR A 450 -24.28 10.27 -27.74
C THR A 450 -25.67 10.01 -28.33
N THR A 451 -26.57 10.98 -28.23
CA THR A 451 -27.96 10.87 -28.74
C THR A 451 -27.94 10.73 -30.27
N GLN A 452 -27.16 11.55 -30.95
CA GLN A 452 -27.00 11.50 -32.44
C GLN A 452 -26.42 10.14 -32.83
N TRP A 453 -25.48 9.63 -32.04
CA TRP A 453 -24.78 8.34 -32.30
C TRP A 453 -25.78 7.18 -32.20
N VAL A 454 -26.62 7.16 -31.16
CA VAL A 454 -27.60 6.07 -30.91
C VAL A 454 -28.71 6.13 -31.97
N GLY A 455 -29.01 7.33 -32.48
CA GLY A 455 -29.88 7.54 -33.67
C GLY A 455 -31.33 7.22 -33.38
N SER B 6 -0.66 19.53 26.75
CA SER B 6 -0.25 18.26 26.09
C SER B 6 1.13 18.43 25.44
N SER B 7 2.16 17.71 25.90
CA SER B 7 3.46 17.59 25.19
C SER B 7 3.23 16.77 23.92
N LEU B 8 4.17 16.84 22.99
CA LEU B 8 4.11 16.05 21.74
C LEU B 8 4.09 14.55 22.08
N ALA B 9 4.91 14.11 23.05
CA ALA B 9 4.94 12.69 23.49
C ALA B 9 3.57 12.26 24.03
N GLU B 10 2.88 13.15 24.75
CA GLU B 10 1.56 12.82 25.35
C GLU B 10 0.53 12.65 24.23
N LYS B 11 0.58 13.52 23.22
CA LYS B 11 -0.34 13.47 22.05
C LYS B 11 -0.11 12.15 21.30
N ASP B 12 1.15 11.77 21.12
CA ASP B 12 1.50 10.48 20.44
C ASP B 12 0.85 9.33 21.20
N ILE B 13 1.00 9.27 22.51
CA ILE B 13 0.41 8.18 23.33
C ILE B 13 -1.12 8.21 23.21
N GLN B 14 -1.71 9.40 23.19
CA GLN B 14 -3.18 9.59 23.19
C GLN B 14 -3.79 9.14 21.85
N TYR B 15 -3.09 9.38 20.73
CA TYR B 15 -3.75 9.41 19.40
C TYR B 15 -3.19 8.37 18.42
N GLN B 16 -1.98 7.85 18.60
CA GLN B 16 -1.34 7.00 17.56
C GLN B 16 -1.24 5.55 18.03
N LEU B 17 -1.76 4.63 17.23
CA LEU B 17 -1.43 3.20 17.33
C LEU B 17 -0.20 2.93 16.46
N HIS B 18 0.91 2.52 17.08
CA HIS B 18 2.20 2.36 16.38
C HIS B 18 2.28 0.97 15.76
N PRO B 19 2.80 0.90 14.52
CA PRO B 19 3.20 -0.39 13.97
C PRO B 19 4.33 -1.01 14.78
N TYR B 20 4.39 -2.35 14.82
CA TYR B 20 5.53 -3.14 15.31
C TYR B 20 5.94 -2.61 16.68
N THR B 21 4.92 -2.40 17.52
CA THR B 21 5.05 -1.82 18.87
C THR B 21 4.07 -2.53 19.81
N ASN B 22 4.51 -2.82 21.02
CA ASN B 22 3.61 -3.21 22.16
C ASN B 22 2.83 -1.96 22.59
N ALA B 23 1.53 -1.91 22.31
CA ALA B 23 0.70 -0.70 22.50
C ALA B 23 0.63 -0.32 23.99
N ARG B 24 0.65 -1.31 24.87
CA ARG B 24 0.57 -1.09 26.35
C ARG B 24 1.90 -0.51 26.85
N LEU B 25 3.02 -1.13 26.47
CA LEU B 25 4.37 -0.62 26.80
C LEU B 25 4.51 0.80 26.25
N HIS B 26 3.95 1.07 25.07
CA HIS B 26 4.00 2.42 24.44
C HIS B 26 3.31 3.45 25.34
N GLN B 27 2.18 3.09 25.96
CA GLN B 27 1.43 4.01 26.86
C GLN B 27 2.30 4.34 28.08
N GLU B 28 3.12 3.38 28.53
CA GLU B 28 4.05 3.54 29.67
C GLU B 28 5.28 4.34 29.25
N LEU B 29 6.04 3.89 28.24
CA LEU B 29 7.36 4.47 27.87
C LEU B 29 7.19 5.73 27.01
N GLY B 30 6.14 5.79 26.18
CA GLY B 30 5.98 6.85 25.17
C GLY B 30 6.97 6.70 24.02
N PRO B 31 6.94 7.62 23.03
CA PRO B 31 7.80 7.52 21.86
C PRO B 31 9.24 8.00 22.04
N LEU B 32 10.12 7.55 21.15
CA LEU B 32 11.34 8.29 20.80
C LEU B 32 11.01 9.14 19.58
N ILE B 33 10.86 10.44 19.78
CA ILE B 33 10.45 11.38 18.71
C ILE B 33 11.70 11.84 17.95
N ILE B 34 11.74 11.54 16.65
CA ILE B 34 12.82 12.02 15.76
C ILE B 34 12.36 13.33 15.12
N GLU B 35 13.18 14.35 15.25
CA GLU B 35 12.81 15.73 14.84
C GLU B 35 13.35 16.03 13.45
N ARG B 36 14.61 15.68 13.16
N ARG B 36 14.62 15.72 13.18
CA ARG B 36 15.27 16.10 11.91
CA ARG B 36 15.33 16.16 11.96
C ARG B 36 16.40 15.14 11.56
C ARG B 36 16.40 15.14 11.57
N GLY B 37 16.90 15.26 10.34
CA GLY B 37 18.00 14.44 9.85
C GLY B 37 18.84 15.18 8.85
N GLN B 38 20.08 14.76 8.69
CA GLN B 38 20.99 15.24 7.63
C GLN B 38 22.06 14.17 7.43
N GLY B 39 22.44 13.93 6.18
CA GLY B 39 23.42 12.87 5.83
C GLY B 39 22.99 11.57 6.47
N ILE B 40 23.86 10.92 7.26
CA ILE B 40 23.53 9.59 7.85
C ILE B 40 22.92 9.73 9.25
N TYR B 41 22.64 10.96 9.71
CA TYR B 41 22.25 11.25 11.10
C TYR B 41 20.78 11.63 11.21
N VAL B 42 20.16 11.19 12.31
CA VAL B 42 18.87 11.74 12.78
C VAL B 42 19.07 12.25 14.20
N TYR B 43 18.21 13.15 14.63
CA TYR B 43 18.28 13.86 15.92
C TYR B 43 16.92 13.75 16.59
N ASP B 44 16.88 13.39 17.86
CA ASP B 44 15.61 13.30 18.62
C ASP B 44 15.23 14.72 19.07
N ASP B 45 14.06 14.84 19.68
CA ASP B 45 13.50 16.16 20.09
C ASP B 45 14.25 16.72 21.30
N GLN B 46 15.22 15.99 21.86
CA GLN B 46 16.11 16.46 22.96
C GLN B 46 17.45 16.94 22.37
N GLY B 47 17.63 16.88 21.06
CA GLY B 47 18.85 17.31 20.35
C GLY B 47 19.92 16.24 20.24
N LYS B 48 19.70 15.03 20.80
CA LYS B 48 20.69 13.92 20.72
C LYS B 48 20.74 13.39 19.29
N GLY B 49 21.96 13.28 18.74
CA GLY B 49 22.23 12.78 17.38
C GLY B 49 22.50 11.29 17.38
N TYR B 50 22.04 10.61 16.34
CA TYR B 50 22.28 9.16 16.13
C TYR B 50 22.73 8.93 14.70
N ILE B 51 23.75 8.10 14.51
CA ILE B 51 24.00 7.48 13.18
C ILE B 51 22.84 6.51 12.91
N GLU B 52 22.16 6.71 11.80
CA GLU B 52 21.06 5.81 11.39
C GLU B 52 21.72 4.66 10.63
N ALA B 53 22.27 3.71 11.37
CA ALA B 53 23.05 2.58 10.82
C ALA B 53 22.10 1.63 10.09
N MET B 54 20.78 1.80 10.24
CA MET B 54 19.78 1.02 9.49
C MET B 54 19.23 1.79 8.28
N ALA B 55 19.66 3.03 8.02
CA ALA B 55 19.06 3.87 6.95
C ALA B 55 17.53 3.86 7.09
N GLY B 56 17.03 4.05 8.30
CA GLY B 56 15.60 3.98 8.63
C GLY B 56 15.15 2.53 8.66
N LEU B 57 14.58 2.05 7.56
CA LEU B 57 14.16 0.63 7.43
C LEU B 57 14.90 0.03 6.24
N GLY B 58 16.23 0.15 6.25
CA GLY B 58 17.11 -0.33 5.16
C GLY B 58 16.82 0.39 3.85
N SER B 59 16.36 1.64 3.91
CA SER B 59 15.65 2.27 2.77
C SER B 59 16.27 3.62 2.35
N VAL B 60 16.88 4.36 3.26
CA VAL B 60 17.26 5.79 3.01
C VAL B 60 18.66 5.79 2.38
N ALA B 61 18.73 5.35 1.13
CA ALA B 61 19.99 5.09 0.38
C ALA B 61 20.84 6.36 0.37
N LEU B 62 20.22 7.50 0.07
CA LEU B 62 20.98 8.78 -0.14
C LEU B 62 21.04 9.62 1.13
N GLY B 63 20.68 9.08 2.30
CA GLY B 63 20.68 9.81 3.56
C GLY B 63 19.55 10.83 3.64
N PHE B 64 19.54 11.61 4.71
CA PHE B 64 18.34 12.36 5.19
C PHE B 64 18.33 13.82 4.70
N SER B 65 19.21 14.23 3.80
CA SER B 65 19.25 15.64 3.32
C SER B 65 19.79 15.70 1.88
N ASN B 66 19.32 14.83 1.01
CA ASN B 66 19.70 14.88 -0.42
C ASN B 66 18.86 15.98 -1.12
N GLN B 67 19.49 17.09 -1.49
CA GLN B 67 18.76 18.26 -2.01
C GLN B 67 18.25 17.97 -3.43
N ARG B 68 18.92 17.13 -4.22
CA ARG B 68 18.45 16.78 -5.58
C ARG B 68 17.07 16.09 -5.50
N LEU B 69 16.87 15.17 -4.55
CA LEU B 69 15.55 14.50 -4.40
C LEU B 69 14.47 15.54 -4.06
N ILE B 70 14.78 16.43 -3.14
CA ILE B 70 13.83 17.44 -2.58
C ILE B 70 13.45 18.39 -3.72
N LYS B 71 14.44 18.81 -4.54
CA LYS B 71 14.16 19.71 -5.69
C LYS B 71 13.38 18.97 -6.78
N ALA B 72 13.66 17.68 -7.02
CA ALA B 72 12.90 16.85 -7.98
C ALA B 72 11.43 16.81 -7.56
N ALA B 73 11.15 16.71 -6.26
CA ALA B 73 9.76 16.67 -5.74
C ALA B 73 9.10 18.03 -6.04
N GLU B 74 9.79 19.10 -5.65
CA GLU B 74 9.30 20.49 -5.88
C GLU B 74 8.94 20.69 -7.35
N GLN B 75 9.84 20.35 -8.25
CA GLN B 75 9.67 20.55 -9.71
C GLN B 75 8.41 19.82 -10.15
N GLN B 76 8.21 18.59 -9.66
CA GLN B 76 7.05 17.80 -10.10
C GLN B 76 5.77 18.36 -9.45
N PHE B 77 5.79 18.75 -8.19
CA PHE B 77 4.62 19.34 -7.49
C PHE B 77 4.10 20.54 -8.30
N ASN B 78 5.03 21.38 -8.77
CA ASN B 78 4.68 22.64 -9.45
C ASN B 78 4.24 22.38 -10.90
N THR B 79 4.44 21.16 -11.42
CA THR B 79 4.05 20.77 -12.78
C THR B 79 2.69 20.06 -12.73
N LEU B 80 2.65 18.92 -12.01
CA LEU B 80 1.46 18.03 -11.91
C LEU B 80 1.58 17.25 -10.61
N PRO B 81 0.92 17.68 -9.52
CA PRO B 81 1.16 17.12 -8.19
C PRO B 81 0.47 15.76 -7.98
N PHE B 82 -0.52 15.47 -8.80
CA PHE B 82 -1.18 14.13 -8.83
C PHE B 82 -1.73 13.89 -10.22
N TYR B 83 -1.55 12.67 -10.70
CA TYR B 83 -2.42 12.09 -11.75
C TYR B 83 -2.31 10.58 -11.60
N HIS B 84 -3.14 9.89 -12.34
CA HIS B 84 -3.25 8.42 -12.24
C HIS B 84 -2.89 7.80 -13.58
N LEU B 85 -2.82 6.47 -13.58
CA LEU B 85 -2.44 5.71 -14.80
C LEU B 85 -3.62 4.90 -15.30
N PHE B 86 -4.83 5.14 -14.80
CA PHE B 86 -6.00 4.28 -15.12
C PHE B 86 -6.48 4.60 -16.53
N ASN B 87 -7.11 3.63 -17.20
CA ASN B 87 -7.88 3.87 -18.45
C ASN B 87 -7.00 4.61 -19.49
N HIS B 88 -5.77 4.17 -19.69
CA HIS B 88 -4.79 4.68 -20.70
C HIS B 88 -4.16 6.01 -20.30
N LYS B 89 -4.54 6.63 -19.17
CA LYS B 89 -3.91 7.91 -18.75
C LYS B 89 -2.45 7.64 -18.39
N SER B 90 -1.56 8.57 -18.64
CA SER B 90 -0.14 8.43 -18.25
C SER B 90 0.49 9.80 -18.03
N HIS B 91 1.73 9.77 -17.58
CA HIS B 91 2.52 10.99 -17.30
C HIS B 91 3.99 10.66 -17.39
N ARG B 92 4.78 11.68 -17.69
CA ARG B 92 6.22 11.54 -18.04
C ARG B 92 7.01 10.84 -16.93
N PRO B 93 6.91 11.22 -15.65
CA PRO B 93 7.76 10.60 -14.63
C PRO B 93 7.55 9.08 -14.56
N SER B 94 6.31 8.59 -14.64
CA SER B 94 6.05 7.13 -14.60
C SER B 94 6.70 6.46 -15.81
N ILE B 95 6.56 7.06 -16.99
CA ILE B 95 7.14 6.51 -18.25
C ILE B 95 8.66 6.45 -18.16
N GLU B 96 9.31 7.53 -17.76
CA GLU B 96 10.79 7.62 -17.74
C GLU B 96 11.30 6.67 -16.65
N LEU B 97 10.59 6.54 -15.52
CA LEU B 97 11.05 5.60 -14.47
C LEU B 97 10.89 4.16 -14.95
N ALA B 98 9.78 3.83 -15.60
CA ALA B 98 9.55 2.46 -16.13
C ALA B 98 10.66 2.12 -17.13
N GLU B 99 10.98 3.04 -18.02
CA GLU B 99 12.08 2.84 -19.01
C GLU B 99 13.39 2.55 -18.28
N LYS B 100 13.75 3.42 -17.33
CA LYS B 100 15.02 3.27 -16.57
C LYS B 100 15.06 1.91 -15.87
N LEU B 101 13.97 1.50 -15.22
CA LEU B 101 13.91 0.21 -14.48
C LEU B 101 14.04 -0.97 -15.43
N ILE B 102 13.33 -0.96 -16.56
CA ILE B 102 13.40 -2.09 -17.52
C ILE B 102 14.82 -2.16 -18.08
N GLU B 103 15.43 -1.02 -18.42
CA GLU B 103 16.74 -1.03 -19.13
C GLU B 103 17.85 -1.42 -18.15
N MET B 104 17.69 -1.20 -16.85
CA MET B 104 18.74 -1.58 -15.87
C MET B 104 18.50 -2.99 -15.31
N ALA B 105 17.42 -3.67 -15.68
CA ALA B 105 17.05 -4.99 -15.09
C ALA B 105 18.16 -6.00 -15.37
N PRO B 106 18.44 -6.91 -14.42
CA PRO B 106 19.53 -7.87 -14.56
C PRO B 106 19.21 -9.04 -15.49
N VAL B 107 17.93 -9.23 -15.80
CA VAL B 107 17.44 -10.19 -16.83
C VAL B 107 16.49 -9.40 -17.72
N PRO B 108 16.24 -9.86 -18.96
CA PRO B 108 15.24 -9.23 -19.82
C PRO B 108 13.86 -9.15 -19.15
N MET B 109 13.39 -7.92 -18.97
CA MET B 109 12.04 -7.66 -18.42
C MET B 109 11.23 -6.91 -19.46
N SER B 110 9.91 -7.03 -19.33
CA SER B 110 8.93 -6.49 -20.30
C SER B 110 8.29 -5.18 -19.78
N LYS B 111 7.67 -5.24 -18.61
CA LYS B 111 6.79 -4.13 -18.15
C LYS B 111 7.00 -3.88 -16.66
N VAL B 112 6.73 -2.65 -16.28
CA VAL B 112 6.63 -2.22 -14.86
C VAL B 112 5.17 -1.98 -14.48
N PHE B 113 4.80 -2.40 -13.28
CA PHE B 113 3.52 -2.02 -12.64
C PHE B 113 3.87 -1.37 -11.31
N PHE B 114 3.40 -0.16 -11.06
CA PHE B 114 3.74 0.58 -9.82
C PHE B 114 2.66 0.39 -8.74
N THR B 115 3.12 0.37 -7.50
CA THR B 115 2.29 0.39 -6.29
C THR B 115 2.88 1.39 -5.30
N ASN B 116 2.25 1.58 -4.15
CA ASN B 116 2.80 2.48 -3.10
C ASN B 116 3.82 1.72 -2.23
N SER B 117 3.61 0.44 -1.94
CA SER B 117 4.39 -0.30 -0.92
C SER B 117 4.85 -1.66 -1.45
N GLY B 118 5.90 -2.18 -0.84
CA GLY B 118 6.36 -3.57 -1.06
C GLY B 118 5.24 -4.56 -0.74
N SER B 119 4.47 -4.33 0.32
CA SER B 119 3.33 -5.22 0.69
C SER B 119 2.31 -5.24 -0.44
N GLU B 120 1.88 -4.07 -0.92
CA GLU B 120 0.94 -3.99 -2.06
C GLU B 120 1.55 -4.68 -3.29
N ALA B 121 2.85 -4.50 -3.52
CA ALA B 121 3.52 -5.05 -4.71
C ALA B 121 3.45 -6.59 -4.66
N ASN B 122 3.79 -7.20 -3.53
CA ASN B 122 3.76 -8.69 -3.42
C ASN B 122 2.32 -9.18 -3.48
N ASP B 123 1.38 -8.45 -2.88
CA ASP B 123 -0.06 -8.77 -2.93
C ASP B 123 -0.51 -8.75 -4.39
N THR B 124 -0.07 -7.73 -5.14
CA THR B 124 -0.37 -7.60 -6.60
C THR B 124 0.26 -8.77 -7.37
N VAL B 125 1.48 -9.17 -7.05
CA VAL B 125 2.15 -10.32 -7.71
C VAL B 125 1.30 -11.56 -7.51
N VAL B 126 0.79 -11.80 -6.32
CA VAL B 126 -0.11 -12.96 -6.06
C VAL B 126 -1.30 -12.87 -7.03
N LYS B 127 -1.96 -11.72 -7.09
CA LYS B 127 -3.15 -11.58 -7.96
C LYS B 127 -2.76 -11.79 -9.43
N PHE B 128 -1.61 -11.26 -9.85
CA PHE B 128 -1.18 -11.28 -11.26
C PHE B 128 -0.84 -12.72 -11.67
N VAL B 129 -0.26 -13.48 -10.75
CA VAL B 129 0.09 -14.91 -11.02
C VAL B 129 -1.20 -15.73 -11.13
N TRP B 130 -2.19 -15.51 -10.27
CA TRP B 130 -3.50 -16.18 -10.35
C TRP B 130 -4.17 -15.82 -11.68
N TYR B 131 -4.15 -14.53 -12.01
CA TYR B 131 -4.71 -14.01 -13.29
C TYR B 131 -4.01 -14.69 -14.47
N LEU B 132 -2.68 -14.71 -14.46
CA LEU B 132 -1.84 -15.28 -15.54
C LEU B 132 -2.23 -16.75 -15.77
N ASN B 133 -2.25 -17.55 -14.72
CA ASN B 133 -2.47 -19.02 -14.87
C ASN B 133 -3.93 -19.27 -15.27
N ASN B 134 -4.87 -18.45 -14.84
CA ASN B 134 -6.26 -18.47 -15.40
C ASN B 134 -6.21 -18.15 -16.90
N ALA B 135 -5.46 -17.14 -17.31
CA ALA B 135 -5.29 -16.73 -18.74
C ALA B 135 -4.70 -17.89 -19.56
N LEU B 136 -3.76 -18.64 -18.98
CA LEU B 136 -3.02 -19.74 -19.67
C LEU B 136 -3.84 -21.03 -19.67
N GLY B 137 -5.02 -21.04 -19.04
CA GLY B 137 -5.86 -22.25 -18.88
C GLY B 137 -5.23 -23.26 -17.94
N LYS B 138 -4.61 -22.79 -16.85
CA LYS B 138 -4.06 -23.63 -15.76
C LYS B 138 -4.68 -23.21 -14.43
N PRO B 139 -6.01 -23.39 -14.24
CA PRO B 139 -6.69 -22.88 -13.06
C PRO B 139 -6.26 -23.50 -11.73
N ALA B 140 -5.64 -24.69 -11.74
CA ALA B 140 -5.14 -25.33 -10.50
C ALA B 140 -3.81 -24.70 -10.06
N LYS B 141 -3.07 -24.06 -10.97
CA LYS B 141 -1.64 -23.67 -10.76
C LYS B 141 -1.63 -22.33 -10.01
N LYS B 142 -1.87 -22.39 -8.69
CA LYS B 142 -2.17 -21.17 -7.86
C LYS B 142 -1.37 -21.09 -6.56
N LYS B 143 -0.75 -22.18 -6.09
CA LYS B 143 -0.10 -22.14 -4.75
C LYS B 143 1.22 -21.37 -4.85
N PHE B 144 1.58 -20.70 -3.76
CA PHE B 144 2.88 -20.02 -3.60
C PHE B 144 3.71 -20.79 -2.59
N ILE B 145 5.00 -20.87 -2.84
CA ILE B 145 6.00 -21.40 -1.86
C ILE B 145 6.91 -20.24 -1.48
N SER B 146 7.05 -20.02 -0.19
CA SER B 146 8.02 -19.03 0.37
C SER B 146 8.78 -19.73 1.50
N ARG B 147 9.65 -19.01 2.20
CA ARG B 147 10.56 -19.60 3.22
C ARG B 147 10.18 -19.13 4.62
N VAL B 148 10.40 -20.01 5.60
CA VAL B 148 10.42 -19.63 7.05
C VAL B 148 11.38 -18.43 7.18
N ASN B 149 10.94 -17.41 7.92
CA ASN B 149 11.70 -16.17 8.23
C ASN B 149 11.85 -15.25 7.00
N GLY B 150 11.23 -15.57 5.86
CA GLY B 150 11.16 -14.61 4.75
C GLY B 150 10.27 -13.45 5.13
N TYR B 151 10.54 -12.27 4.58
CA TYR B 151 9.65 -11.09 4.77
C TYR B 151 9.22 -10.56 3.42
N HIS B 152 7.90 -10.50 3.22
CA HIS B 152 7.27 -10.10 1.94
C HIS B 152 6.17 -9.08 2.20
N GLY B 153 6.04 -8.58 3.43
CA GLY B 153 5.05 -7.55 3.75
C GLY B 153 3.91 -8.06 4.60
N VAL B 154 2.86 -7.25 4.71
CA VAL B 154 1.89 -7.34 5.84
C VAL B 154 0.43 -7.38 5.39
N THR B 155 0.10 -7.38 4.08
CA THR B 155 -1.34 -7.55 3.72
C THR B 155 -1.75 -9.00 4.07
N VAL B 156 -3.04 -9.27 4.08
CA VAL B 156 -3.53 -10.66 4.33
C VAL B 156 -2.75 -11.63 3.43
N ALA B 157 -2.59 -11.37 2.14
CA ALA B 157 -1.83 -12.25 1.22
C ALA B 157 -0.32 -12.14 1.40
N SER B 158 0.28 -10.94 1.45
CA SER B 158 1.75 -10.85 1.53
C SER B 158 2.25 -11.30 2.91
N ALA B 159 1.47 -11.13 3.98
CA ALA B 159 1.82 -11.66 5.33
C ALA B 159 1.68 -13.20 5.33
N SER B 160 0.89 -13.76 4.40
CA SER B 160 0.81 -15.25 4.19
C SER B 160 2.10 -15.73 3.52
N LEU B 161 2.67 -14.95 2.60
CA LEU B 161 4.00 -15.21 1.99
C LEU B 161 5.08 -15.08 3.08
N THR B 162 5.03 -14.01 3.87
CA THR B 162 5.98 -13.78 4.99
C THR B 162 6.08 -15.06 5.84
N GLY B 163 7.29 -15.39 6.27
CA GLY B 163 7.56 -16.62 7.07
C GLY B 163 7.92 -16.29 8.51
N LEU B 164 7.76 -15.03 8.92
CA LEU B 164 8.05 -14.63 10.33
C LEU B 164 6.79 -14.83 11.16
N PRO B 165 6.87 -15.64 12.25
CA PRO B 165 5.72 -15.87 13.12
C PRO B 165 5.02 -14.63 13.65
N GLY B 166 5.77 -13.58 13.97
CA GLY B 166 5.22 -12.31 14.49
C GLY B 166 4.22 -11.69 13.54
N ASN B 167 4.35 -11.96 12.23
CA ASN B 167 3.45 -11.43 11.18
C ASN B 167 2.19 -12.30 11.01
N GLN B 168 2.15 -13.49 11.63
CA GLN B 168 1.03 -14.46 11.39
C GLN B 168 0.25 -14.74 12.68
N ARG B 169 0.93 -14.83 13.83
CA ARG B 169 0.31 -15.20 15.13
C ARG B 169 -0.79 -14.19 15.47
N GLY B 170 -2.02 -14.67 15.68
CA GLY B 170 -3.18 -13.84 16.05
C GLY B 170 -3.95 -13.31 14.85
N PHE B 171 -3.42 -13.49 13.64
CA PHE B 171 -4.00 -12.90 12.40
C PHE B 171 -4.63 -13.97 11.51
N ASP B 172 -4.72 -15.21 11.98
CA ASP B 172 -5.28 -16.37 11.21
C ASP B 172 -4.55 -16.54 9.87
N LEU B 173 -3.22 -16.37 9.82
CA LEU B 173 -2.38 -16.54 8.62
C LEU B 173 -1.41 -17.69 8.85
N PRO B 174 -0.88 -18.34 7.79
CA PRO B 174 -1.18 -17.98 6.40
C PRO B 174 -2.55 -18.44 5.90
N LEU B 175 -3.04 -17.77 4.87
CA LEU B 175 -4.18 -18.28 4.04
C LEU B 175 -3.81 -19.66 3.52
N PRO B 176 -4.81 -20.51 3.19
CA PRO B 176 -4.56 -21.71 2.40
C PRO B 176 -3.86 -21.39 1.07
N GLY B 177 -2.93 -22.25 0.65
CA GLY B 177 -2.28 -22.19 -0.67
C GLY B 177 -1.00 -21.36 -0.62
N PHE B 178 -0.59 -20.94 0.58
CA PHE B 178 0.69 -20.26 0.85
C PHE B 178 1.52 -21.19 1.74
N LEU B 179 2.46 -21.89 1.09
CA LEU B 179 3.26 -22.98 1.69
C LEU B 179 4.65 -22.43 2.02
N HIS B 180 5.30 -23.00 3.04
CA HIS B 180 6.61 -22.51 3.51
C HIS B 180 7.60 -23.67 3.59
N VAL B 181 8.77 -23.49 3.02
CA VAL B 181 9.93 -24.42 3.11
C VAL B 181 10.98 -23.74 3.99
N GLY B 182 12.13 -24.40 4.16
CA GLY B 182 13.06 -24.10 5.26
C GLY B 182 13.76 -22.78 5.06
N CYS B 183 14.08 -22.13 6.17
CA CYS B 183 15.01 -20.97 6.23
C CYS B 183 16.41 -21.45 5.85
N PRO B 184 17.03 -20.90 4.79
CA PRO B 184 18.36 -21.31 4.34
C PRO B 184 19.49 -20.67 5.15
N HIS B 185 19.48 -20.91 6.45
CA HIS B 185 20.50 -20.37 7.38
C HIS B 185 21.38 -21.54 7.87
N HIS B 186 22.58 -21.67 7.32
CA HIS B 186 23.50 -22.81 7.58
C HIS B 186 23.79 -22.87 9.09
N TYR B 187 24.09 -21.72 9.69
CA TYR B 187 24.50 -21.62 11.11
C TYR B 187 23.42 -22.23 12.02
N ARG B 188 22.14 -22.10 11.69
CA ARG B 188 21.02 -22.49 12.56
C ARG B 188 20.40 -23.83 12.14
N PHE B 189 20.43 -24.18 10.86
CA PHE B 189 19.59 -25.29 10.33
C PHE B 189 20.39 -26.38 9.61
N ALA B 190 21.69 -26.20 9.35
CA ALA B 190 22.54 -27.29 8.83
C ALA B 190 22.61 -28.41 9.87
N LEU B 191 22.73 -29.65 9.40
CA LEU B 191 22.96 -30.83 10.28
C LEU B 191 24.39 -30.72 10.82
N ALA B 192 24.70 -31.39 11.93
CA ALA B 192 26.08 -31.46 12.48
C ALA B 192 27.02 -31.89 11.36
N GLY B 193 28.01 -31.05 11.04
CA GLY B 193 29.10 -31.35 10.09
C GLY B 193 28.65 -31.38 8.63
N GLU B 194 27.52 -30.74 8.28
CA GLU B 194 27.00 -30.66 6.88
C GLU B 194 27.64 -29.46 6.15
N SER B 195 28.12 -29.64 4.93
CA SER B 195 28.71 -28.53 4.11
C SER B 195 27.58 -27.60 3.65
N GLU B 196 27.91 -26.39 3.20
CA GLU B 196 26.91 -25.43 2.64
C GLU B 196 26.23 -26.07 1.43
N GLU B 197 27.03 -26.74 0.59
CA GLU B 197 26.57 -27.37 -0.67
C GLU B 197 25.59 -28.51 -0.35
N HIS B 198 25.88 -29.36 0.65
CA HIS B 198 24.99 -30.46 1.10
C HIS B 198 23.71 -29.89 1.69
N PHE B 199 23.81 -28.78 2.44
CA PHE B 199 22.64 -28.07 3.01
C PHE B 199 21.75 -27.57 1.85
N ALA B 200 22.35 -26.96 0.84
CA ALA B 200 21.66 -26.46 -0.38
C ALA B 200 20.94 -27.64 -1.05
N ASP B 201 21.64 -28.78 -1.25
CA ASP B 201 21.02 -30.03 -1.80
C ASP B 201 19.77 -30.37 -1.02
N ARG B 202 19.87 -30.43 0.31
CA ARG B 202 18.75 -30.88 1.17
C ARG B 202 17.58 -29.90 1.09
N LEU B 203 17.88 -28.59 0.99
CA LEU B 203 16.80 -27.58 0.87
C LEU B 203 16.11 -27.74 -0.49
N ALA B 204 16.87 -28.02 -1.54
CA ALA B 204 16.32 -28.25 -2.91
C ALA B 204 15.46 -29.53 -2.91
N VAL B 205 15.88 -30.56 -2.18
CA VAL B 205 15.09 -31.82 -1.99
C VAL B 205 13.80 -31.50 -1.24
N GLU B 206 13.86 -30.73 -0.15
CA GLU B 206 12.67 -30.32 0.62
C GLU B 206 11.66 -29.66 -0.33
N LEU B 207 12.12 -28.73 -1.16
CA LEU B 207 11.26 -27.96 -2.11
C LEU B 207 10.63 -28.96 -3.09
N GLU B 208 11.43 -29.78 -3.77
CA GLU B 208 10.96 -30.80 -4.74
C GLU B 208 9.93 -31.70 -4.06
N GLN B 209 10.21 -32.19 -2.85
CA GLN B 209 9.29 -33.07 -2.09
C GLN B 209 7.99 -32.34 -1.77
N LYS B 210 8.06 -31.05 -1.42
CA LYS B 210 6.86 -30.21 -1.16
C LYS B 210 6.03 -30.12 -2.46
N ILE B 211 6.69 -29.89 -3.58
CA ILE B 211 6.05 -29.70 -4.93
C ILE B 211 5.31 -31.02 -5.27
N LEU B 212 6.00 -32.15 -5.10
CA LEU B 212 5.44 -33.50 -5.41
C LEU B 212 4.28 -33.81 -4.46
N ALA B 213 4.42 -33.54 -3.16
CA ALA B 213 3.38 -33.80 -2.14
C ALA B 213 2.12 -33.00 -2.44
N GLU B 214 2.24 -31.77 -2.97
CA GLU B 214 1.08 -30.86 -3.19
C GLU B 214 0.48 -31.09 -4.57
N GLY B 215 1.26 -31.66 -5.50
CA GLY B 215 0.93 -31.79 -6.93
C GLY B 215 1.61 -30.71 -7.73
N PRO B 216 2.64 -31.02 -8.56
CA PRO B 216 3.36 -30.00 -9.31
C PRO B 216 2.46 -29.04 -10.10
N GLU B 217 1.35 -29.55 -10.63
CA GLU B 217 0.39 -28.78 -11.46
C GLU B 217 -0.29 -27.69 -10.63
N THR B 218 -0.21 -27.73 -9.30
CA THR B 218 -0.91 -26.78 -8.38
C THR B 218 0.04 -25.68 -7.87
N ILE B 219 1.34 -25.76 -8.18
CA ILE B 219 2.36 -24.78 -7.70
C ILE B 219 2.60 -23.73 -8.78
N ALA B 220 2.28 -22.46 -8.50
CA ALA B 220 2.44 -21.33 -9.45
C ALA B 220 3.81 -20.70 -9.32
N ALA B 221 4.33 -20.53 -8.11
CA ALA B 221 5.48 -19.63 -7.91
C ALA B 221 6.23 -19.92 -6.62
N PHE B 222 7.51 -19.62 -6.68
CA PHE B 222 8.45 -19.59 -5.54
C PHE B 222 8.91 -18.14 -5.38
N ILE B 223 8.75 -17.57 -4.19
CA ILE B 223 9.19 -16.17 -3.92
C ILE B 223 10.24 -16.19 -2.82
N GLY B 224 11.31 -15.42 -3.02
CA GLY B 224 12.37 -15.26 -2.02
C GLY B 224 13.09 -13.94 -2.20
N GLU B 225 13.48 -13.34 -1.07
CA GLU B 225 14.55 -12.33 -1.02
C GLU B 225 15.86 -13.02 -1.38
N PRO B 226 16.72 -12.45 -2.26
CA PRO B 226 18.01 -13.08 -2.56
C PRO B 226 18.80 -13.39 -1.27
N LEU B 227 18.86 -12.40 -0.39
CA LEU B 227 19.34 -12.48 0.99
C LEU B 227 18.18 -12.00 1.88
N MET B 228 17.92 -12.65 3.00
N MET B 228 17.91 -12.71 2.98
CA MET B 228 16.72 -12.36 3.83
CA MET B 228 16.77 -12.38 3.88
C MET B 228 17.05 -11.23 4.81
C MET B 228 17.16 -11.17 4.74
N GLY B 229 16.42 -10.06 4.62
CA GLY B 229 16.69 -8.83 5.37
C GLY B 229 16.08 -8.86 6.76
N ALA B 230 14.77 -8.69 6.87
CA ALA B 230 14.07 -8.58 8.17
C ALA B 230 14.27 -9.85 8.99
N GLY B 231 14.47 -11.00 8.34
CA GLY B 231 14.65 -12.30 9.00
C GLY B 231 16.00 -12.47 9.66
N GLY B 232 16.93 -11.51 9.51
CA GLY B 232 18.22 -11.53 10.22
C GLY B 232 19.44 -11.44 9.33
N VAL B 233 19.34 -10.90 8.10
CA VAL B 233 20.48 -10.78 7.16
C VAL B 233 20.99 -12.21 6.93
N ILE B 234 20.09 -13.10 6.49
CA ILE B 234 20.39 -14.54 6.28
C ILE B 234 20.92 -14.70 4.86
N VAL B 235 22.22 -14.92 4.72
CA VAL B 235 22.87 -15.19 3.42
C VAL B 235 22.66 -16.67 3.13
N PRO B 236 22.09 -17.02 1.96
CA PRO B 236 21.84 -18.42 1.64
C PRO B 236 23.18 -19.13 1.46
N PRO B 237 23.21 -20.47 1.63
CA PRO B 237 24.43 -21.23 1.42
C PRO B 237 24.83 -21.22 -0.06
N ARG B 238 26.13 -21.32 -0.33
CA ARG B 238 26.68 -21.54 -1.70
C ARG B 238 25.83 -22.61 -2.42
N THR B 239 25.50 -22.33 -3.69
CA THR B 239 24.75 -23.19 -4.65
C THR B 239 23.24 -23.24 -4.36
N TYR B 240 22.73 -22.58 -3.32
CA TYR B 240 21.28 -22.61 -2.98
C TYR B 240 20.45 -22.13 -4.18
N TRP B 241 20.72 -20.94 -4.70
CA TRP B 241 19.84 -20.31 -5.72
C TRP B 241 19.94 -21.09 -7.04
N GLU B 242 21.13 -21.56 -7.39
CA GLU B 242 21.33 -22.45 -8.56
C GLU B 242 20.41 -23.67 -8.45
N LYS B 243 20.45 -24.38 -7.32
CA LYS B 243 19.73 -25.67 -7.15
C LYS B 243 18.24 -25.43 -7.00
N ILE B 244 17.82 -24.35 -6.34
CA ILE B 244 16.39 -24.05 -6.14
C ILE B 244 15.79 -23.72 -7.51
N GLN B 245 16.52 -22.98 -8.32
CA GLN B 245 16.01 -22.52 -9.64
C GLN B 245 15.88 -23.74 -10.57
N LYS B 246 16.84 -24.67 -10.52
CA LYS B 246 16.74 -25.94 -11.30
C LYS B 246 15.42 -26.65 -10.97
N VAL B 247 15.06 -26.77 -9.68
CA VAL B 247 13.82 -27.45 -9.22
C VAL B 247 12.61 -26.67 -9.76
N CYS B 248 12.66 -25.34 -9.66
CA CYS B 248 11.55 -24.48 -10.13
C CYS B 248 11.37 -24.67 -11.65
N ARG B 249 12.43 -24.56 -12.44
CA ARG B 249 12.37 -24.67 -13.93
C ARG B 249 11.87 -26.08 -14.29
N LYS B 250 12.29 -27.08 -13.53
CA LYS B 250 11.85 -28.49 -13.73
C LYS B 250 10.32 -28.58 -13.73
N TYR B 251 9.61 -27.81 -12.90
CA TYR B 251 8.14 -27.95 -12.71
C TYR B 251 7.38 -26.71 -13.20
N ASP B 252 8.04 -25.89 -14.02
CA ASP B 252 7.43 -24.69 -14.67
C ASP B 252 6.88 -23.76 -13.57
N ILE B 253 7.65 -23.56 -12.49
CA ILE B 253 7.27 -22.68 -11.35
C ILE B 253 7.97 -21.33 -11.54
N LEU B 254 7.22 -20.23 -11.46
CA LEU B 254 7.80 -18.88 -11.62
C LEU B 254 8.74 -18.63 -10.44
N VAL B 255 9.84 -17.95 -10.69
CA VAL B 255 10.81 -17.51 -9.66
C VAL B 255 10.63 -16.00 -9.47
N ILE B 256 10.22 -15.59 -8.27
CA ILE B 256 9.98 -14.16 -7.94
C ILE B 256 11.08 -13.72 -6.97
N ALA B 257 11.89 -12.75 -7.36
CA ALA B 257 12.98 -12.17 -6.54
C ALA B 257 12.39 -10.94 -5.84
N ASP B 258 12.18 -11.03 -4.53
CA ASP B 258 11.74 -9.87 -3.72
C ASP B 258 13.00 -9.08 -3.37
N GLU B 259 13.28 -8.01 -4.12
CA GLU B 259 14.47 -7.17 -4.03
C GLU B 259 14.14 -5.89 -3.24
N VAL B 260 13.13 -5.93 -2.38
CA VAL B 260 12.73 -4.69 -1.65
C VAL B 260 13.91 -4.17 -0.81
N ILE B 261 14.69 -5.04 -0.17
CA ILE B 261 15.91 -4.62 0.54
C ILE B 261 17.14 -4.65 -0.37
N CYS B 262 17.35 -5.72 -1.14
CA CYS B 262 18.59 -5.91 -1.93
C CYS B 262 18.69 -4.87 -3.05
N GLY B 263 17.58 -4.36 -3.55
CA GLY B 263 17.55 -3.50 -4.76
C GLY B 263 18.39 -2.24 -4.61
N PHE B 264 19.16 -1.91 -5.67
CA PHE B 264 19.85 -0.62 -5.87
C PHE B 264 21.10 -0.52 -4.97
N GLY B 265 21.91 -1.58 -4.98
CA GLY B 265 23.33 -1.49 -4.58
C GLY B 265 23.59 -1.98 -3.17
N ARG B 266 22.62 -2.59 -2.50
CA ARG B 266 22.79 -2.97 -1.09
C ARG B 266 23.83 -4.08 -0.97
N THR B 267 23.88 -5.02 -1.93
CA THR B 267 24.66 -6.28 -1.79
C THR B 267 26.00 -6.21 -2.52
N GLY B 268 26.39 -5.04 -3.03
CA GLY B 268 27.67 -4.83 -3.73
C GLY B 268 27.53 -4.92 -5.24
N GLN B 269 26.34 -5.29 -5.73
CA GLN B 269 25.93 -5.16 -7.15
C GLN B 269 24.59 -4.44 -7.18
N MET B 270 24.11 -4.05 -8.35
CA MET B 270 22.84 -3.27 -8.42
C MET B 270 21.69 -4.08 -7.81
N PHE B 271 21.63 -5.38 -8.06
CA PHE B 271 20.52 -6.25 -7.56
C PHE B 271 21.08 -7.49 -6.88
N GLY B 272 20.36 -7.97 -5.85
CA GLY B 272 20.65 -9.26 -5.20
C GLY B 272 20.59 -10.40 -6.20
N SER B 273 19.75 -10.29 -7.23
CA SER B 273 19.64 -11.29 -8.33
C SER B 273 20.98 -11.44 -9.05
N GLN B 274 21.73 -10.35 -9.21
CA GLN B 274 23.09 -10.36 -9.79
C GLN B 274 24.05 -11.03 -8.81
N THR B 275 24.06 -10.57 -7.56
CA THR B 275 24.96 -11.11 -6.51
C THR B 275 24.79 -12.63 -6.39
N PHE B 276 23.56 -13.15 -6.43
CA PHE B 276 23.24 -14.56 -6.09
C PHE B 276 22.94 -15.42 -7.34
N GLY B 277 23.11 -14.85 -8.53
CA GLY B 277 22.85 -15.54 -9.81
C GLY B 277 21.43 -16.02 -9.94
N ILE B 278 20.45 -15.13 -9.71
CA ILE B 278 19.00 -15.45 -9.86
C ILE B 278 18.56 -14.87 -11.20
N GLN B 279 17.79 -15.64 -11.96
CA GLN B 279 17.19 -15.21 -13.24
C GLN B 279 15.69 -15.19 -13.01
N PRO B 280 15.16 -14.17 -12.30
CA PRO B 280 13.75 -14.18 -11.92
C PRO B 280 12.81 -13.86 -13.10
N ASP B 281 11.61 -14.39 -13.04
CA ASP B 281 10.48 -14.05 -13.95
C ASP B 281 9.88 -12.70 -13.53
N ILE B 282 9.86 -12.44 -12.22
CA ILE B 282 9.22 -11.22 -11.63
C ILE B 282 10.18 -10.67 -10.58
N MET B 283 10.36 -9.34 -10.54
CA MET B 283 11.15 -8.69 -9.48
C MET B 283 10.25 -7.66 -8.77
N VAL B 284 10.41 -7.57 -7.46
CA VAL B 284 9.68 -6.57 -6.62
C VAL B 284 10.74 -5.64 -6.03
N LEU B 285 10.51 -4.33 -6.18
CA LEU B 285 11.45 -3.26 -5.80
C LEU B 285 10.70 -2.23 -4.94
N SER B 286 11.36 -1.69 -3.94
CA SER B 286 10.81 -0.57 -3.13
C SER B 286 11.96 0.08 -2.37
N LYS B 287 11.64 0.75 -1.25
CA LYS B 287 12.64 1.20 -0.23
C LYS B 287 13.70 2.06 -0.91
N GLN B 288 14.86 1.52 -1.27
CA GLN B 288 15.96 2.33 -1.83
C GLN B 288 15.55 2.92 -3.19
N LEU B 289 14.49 2.41 -3.81
CA LEU B 289 13.98 2.94 -5.11
C LEU B 289 13.85 4.47 -5.02
N SER B 290 13.34 4.98 -3.90
CA SER B 290 13.13 6.44 -3.71
C SER B 290 13.91 6.98 -2.51
N SER B 291 14.85 6.20 -1.96
CA SER B 291 15.46 6.46 -0.62
C SER B 291 14.37 6.64 0.44
N SER B 292 13.19 6.05 0.21
N SER B 292 13.20 6.03 0.20
CA SER B 292 11.99 6.21 1.07
CA SER B 292 11.91 6.20 0.93
C SER B 292 11.56 7.68 1.18
C SER B 292 11.58 7.67 1.18
N TYR B 293 12.03 8.59 0.32
CA TYR B 293 11.59 10.01 0.33
C TYR B 293 10.12 10.09 -0.08
N GLN B 294 9.65 9.08 -0.83
CA GLN B 294 8.25 8.95 -1.26
C GLN B 294 7.85 7.48 -1.21
N PRO B 295 6.61 7.15 -0.83
CA PRO B 295 6.15 5.76 -0.89
C PRO B 295 5.99 5.33 -2.35
N ILE B 296 6.80 4.37 -2.77
CA ILE B 296 6.65 3.77 -4.12
C ILE B 296 7.30 2.39 -4.11
N ALA B 297 6.68 1.50 -4.86
CA ALA B 297 7.25 0.17 -5.19
C ALA B 297 6.99 -0.10 -6.65
N ALA B 298 7.73 -1.04 -7.21
CA ALA B 298 7.62 -1.37 -8.65
C ALA B 298 7.70 -2.88 -8.79
N ILE B 299 6.84 -3.44 -9.64
CA ILE B 299 6.92 -4.86 -10.06
C ILE B 299 7.48 -4.86 -11.48
N LEU B 300 8.55 -5.62 -11.71
CA LEU B 300 9.07 -5.89 -13.08
C LEU B 300 8.56 -7.28 -13.46
N ILE B 301 7.87 -7.41 -14.59
CA ILE B 301 7.37 -8.70 -15.10
C ILE B 301 8.05 -8.97 -16.45
N ASN B 302 8.40 -10.24 -16.66
CA ASN B 302 9.07 -10.59 -17.94
C ASN B 302 8.00 -10.78 -19.03
N ALA B 303 8.45 -11.08 -20.25
CA ALA B 303 7.59 -11.15 -21.45
C ALA B 303 6.47 -12.16 -21.27
N PRO B 304 6.71 -13.44 -20.92
CA PRO B 304 5.62 -14.40 -20.78
C PRO B 304 4.57 -14.00 -19.74
N VAL B 305 4.98 -13.41 -18.62
CA VAL B 305 3.99 -12.96 -17.60
C VAL B 305 3.13 -11.84 -18.21
N PHE B 306 3.75 -10.85 -18.85
CA PHE B 306 3.03 -9.70 -19.46
C PHE B 306 2.05 -10.23 -20.51
N GLU B 307 2.55 -11.10 -21.41
CA GLU B 307 1.73 -11.51 -22.58
C GLU B 307 0.47 -12.22 -22.11
N GLY B 308 0.56 -13.11 -21.12
CA GLY B 308 -0.62 -13.80 -20.56
C GLY B 308 -1.59 -12.84 -19.91
N ILE B 309 -1.09 -11.91 -19.09
CA ILE B 309 -1.95 -10.91 -18.41
C ILE B 309 -2.65 -10.05 -19.47
N ALA B 310 -1.90 -9.59 -20.47
CA ALA B 310 -2.40 -8.71 -21.55
C ALA B 310 -3.54 -9.40 -22.31
N ASP B 311 -3.36 -10.66 -22.69
CA ASP B 311 -4.42 -11.46 -23.37
C ASP B 311 -5.70 -11.46 -22.54
N GLN B 312 -5.61 -11.76 -21.24
CA GLN B 312 -6.82 -11.86 -20.40
C GLN B 312 -7.46 -10.47 -20.18
N SER B 313 -6.66 -9.41 -20.11
CA SER B 313 -7.19 -8.03 -19.89
C SER B 313 -8.05 -7.63 -21.10
N GLN B 314 -7.71 -8.14 -22.28
CA GLN B 314 -8.46 -7.88 -23.53
C GLN B 314 -9.79 -8.62 -23.47
N ALA B 315 -9.76 -9.92 -23.15
CA ALA B 315 -10.95 -10.77 -23.05
C ALA B 315 -11.93 -10.23 -22.01
N LEU B 316 -11.44 -9.73 -20.87
CA LEU B 316 -12.29 -9.25 -19.74
C LEU B 316 -12.57 -7.74 -19.84
N GLY B 317 -12.05 -7.04 -20.85
CA GLY B 317 -12.38 -5.62 -21.08
C GLY B 317 -11.30 -4.68 -20.56
N ALA B 318 -10.78 -4.94 -19.35
CA ALA B 318 -9.64 -4.17 -18.79
C ALA B 318 -9.06 -4.98 -17.63
N LEU B 319 -7.80 -4.75 -17.31
CA LEU B 319 -7.16 -5.30 -16.09
C LEU B 319 -7.79 -4.65 -14.85
N GLY B 320 -8.55 -5.41 -14.08
CA GLY B 320 -9.34 -4.89 -12.97
C GLY B 320 -8.50 -4.72 -11.71
N HIS B 321 -7.44 -3.92 -11.79
CA HIS B 321 -6.49 -3.80 -10.66
C HIS B 321 -5.77 -2.47 -10.74
N GLY B 322 -5.59 -1.81 -9.60
CA GLY B 322 -4.79 -0.58 -9.56
C GLY B 322 -5.01 0.15 -8.27
N PHE B 323 -4.01 0.91 -7.83
CA PHE B 323 -4.11 1.78 -6.65
C PHE B 323 -4.16 3.24 -7.15
N THR B 324 -4.92 4.08 -6.47
CA THR B 324 -4.99 5.53 -6.73
C THR B 324 -3.56 6.08 -6.93
N GLY B 325 -2.64 5.71 -6.04
CA GLY B 325 -1.26 6.20 -6.03
C GLY B 325 -0.33 5.47 -7.00
N SER B 326 -0.79 4.44 -7.71
CA SER B 326 0.05 3.68 -8.68
C SER B 326 0.75 4.66 -9.60
N GLY B 327 2.06 4.76 -9.53
CA GLY B 327 2.89 5.58 -10.43
C GLY B 327 2.80 7.05 -10.09
N HIS B 328 2.39 7.39 -8.86
CA HIS B 328 2.21 8.80 -8.42
C HIS B 328 3.33 9.68 -9.00
N PRO B 329 3.01 10.80 -9.69
CA PRO B 329 4.03 11.57 -10.41
C PRO B 329 5.14 12.13 -9.52
N VAL B 330 4.82 12.52 -8.29
CA VAL B 330 5.88 13.03 -7.36
C VAL B 330 6.74 11.84 -6.90
N ALA B 331 6.15 10.70 -6.58
CA ALA B 331 6.94 9.54 -6.11
C ALA B 331 7.82 9.03 -7.25
N THR B 332 7.29 8.93 -8.47
CA THR B 332 8.06 8.42 -9.63
C THR B 332 9.15 9.43 -10.00
N ALA B 333 8.87 10.73 -9.91
CA ALA B 333 9.86 11.78 -10.20
C ALA B 333 11.02 11.68 -9.23
N VAL B 334 10.72 11.47 -7.95
CA VAL B 334 11.75 11.37 -6.89
C VAL B 334 12.57 10.10 -7.12
N ALA B 335 11.90 8.97 -7.37
CA ALA B 335 12.60 7.68 -7.62
C ALA B 335 13.54 7.82 -8.82
N LEU B 336 13.07 8.45 -9.90
CA LEU B 336 13.87 8.60 -11.13
C LEU B 336 15.17 9.34 -10.81
N GLU B 337 15.08 10.46 -10.09
CA GLU B 337 16.24 11.30 -9.69
C GLU B 337 17.14 10.48 -8.77
N ASN B 338 16.56 9.70 -7.86
CA ASN B 338 17.30 8.82 -6.92
C ASN B 338 18.19 7.86 -7.71
N LEU B 339 17.63 7.18 -8.72
CA LEU B 339 18.37 6.15 -9.51
C LEU B 339 19.45 6.85 -10.34
N LYS B 340 19.18 8.06 -10.83
CA LYS B 340 20.19 8.87 -11.56
C LYS B 340 21.37 9.19 -10.63
N ILE B 341 21.13 9.55 -9.37
CA ILE B 341 22.20 9.90 -8.42
C ILE B 341 23.02 8.63 -8.13
N ILE B 342 22.36 7.49 -7.91
CA ILE B 342 23.08 6.22 -7.60
C ILE B 342 24.03 5.91 -8.77
N GLU B 343 23.58 6.12 -10.01
CA GLU B 343 24.39 5.85 -11.22
C GLU B 343 25.51 6.91 -11.33
N GLU B 344 25.19 8.20 -11.20
CA GLU B 344 26.17 9.30 -11.43
C GLU B 344 27.25 9.29 -10.35
N GLU B 345 26.91 8.97 -9.10
CA GLU B 345 27.86 9.03 -7.97
C GLU B 345 28.53 7.67 -7.74
N SER B 346 28.33 6.70 -8.63
CA SER B 346 28.95 5.36 -8.56
C SER B 346 28.72 4.76 -7.16
N LEU B 347 27.48 4.82 -6.66
CA LEU B 347 27.20 4.39 -5.27
C LEU B 347 27.16 2.87 -5.15
N VAL B 348 26.91 2.09 -6.21
CA VAL B 348 26.96 0.61 -6.11
C VAL B 348 28.41 0.21 -5.77
N GLU B 349 29.38 0.76 -6.49
CA GLU B 349 30.81 0.42 -6.25
C GLU B 349 31.23 0.95 -4.88
N HIS B 350 30.81 2.17 -4.53
CA HIS B 350 31.11 2.80 -3.22
C HIS B 350 30.54 1.95 -2.09
N ALA B 351 29.29 1.50 -2.19
CA ALA B 351 28.67 0.62 -1.18
C ALA B 351 29.49 -0.66 -1.01
N ALA B 352 29.92 -1.26 -2.11
CA ALA B 352 30.74 -2.50 -2.09
C ALA B 352 32.01 -2.23 -1.27
N GLN B 353 32.68 -1.10 -1.50
CA GLN B 353 33.94 -0.75 -0.78
C GLN B 353 33.63 -0.53 0.69
N MET B 354 32.58 0.24 1.00
CA MET B 354 32.23 0.57 2.40
C MET B 354 31.82 -0.72 3.12
N GLY B 355 31.16 -1.65 2.43
CA GLY B 355 30.73 -2.93 3.02
C GLY B 355 31.94 -3.77 3.42
N GLN B 356 33.02 -3.73 2.64
CA GLN B 356 34.25 -4.48 2.99
C GLN B 356 34.83 -3.89 4.28
N LEU B 357 34.80 -2.56 4.42
CA LEU B 357 35.32 -1.89 5.63
C LEU B 357 34.44 -2.28 6.84
N LEU B 358 33.12 -2.31 6.65
CA LEU B 358 32.17 -2.65 7.73
C LEU B 358 32.42 -4.09 8.20
N ARG B 359 32.49 -5.03 7.27
CA ARG B 359 32.64 -6.47 7.59
C ARG B 359 34.01 -6.68 8.29
N SER B 360 35.06 -6.06 7.77
CA SER B 360 36.43 -6.14 8.36
C SER B 360 36.42 -5.58 9.78
N GLY B 361 35.76 -4.44 10.00
CA GLY B 361 35.66 -3.81 11.33
C GLY B 361 34.98 -4.73 12.32
N LEU B 362 33.86 -5.35 11.91
CA LEU B 362 33.09 -6.27 12.80
C LEU B 362 33.94 -7.52 13.08
N GLN B 363 34.75 -7.97 12.11
CA GLN B 363 35.48 -9.26 12.20
C GLN B 363 36.62 -9.17 13.23
N HIS B 364 36.98 -7.98 13.71
CA HIS B 364 37.90 -7.81 14.86
C HIS B 364 37.33 -8.51 16.10
N PHE B 365 36.02 -8.77 16.11
CA PHE B 365 35.31 -9.38 17.26
C PHE B 365 34.95 -10.83 16.97
N ILE B 366 35.50 -11.44 15.93
CA ILE B 366 35.04 -12.80 15.50
C ILE B 366 35.34 -13.87 16.57
N ASP B 367 36.33 -13.69 17.46
N ASP B 367 36.31 -13.61 17.46
CA ASP B 367 36.66 -14.67 18.53
CA ASP B 367 36.77 -14.56 18.52
C ASP B 367 36.20 -14.15 19.89
C ASP B 367 36.05 -14.30 19.84
N HIS B 368 35.26 -13.22 19.92
CA HIS B 368 34.58 -12.78 21.17
C HIS B 368 33.69 -13.91 21.68
N PRO B 369 33.61 -14.16 23.00
CA PRO B 369 32.79 -15.26 23.51
C PRO B 369 31.28 -15.17 23.23
N LEU B 370 30.76 -13.99 22.94
CA LEU B 370 29.30 -13.77 22.70
C LEU B 370 29.04 -13.63 21.20
N VAL B 371 30.07 -13.71 20.34
CA VAL B 371 29.85 -13.56 18.88
C VAL B 371 29.74 -14.94 18.24
N GLY B 372 28.52 -15.33 17.83
CA GLY B 372 28.24 -16.62 17.20
C GLY B 372 28.55 -16.61 15.71
N GLU B 373 28.15 -15.55 15.01
CA GLU B 373 28.35 -15.47 13.55
C GLU B 373 28.40 -14.00 13.13
N ILE B 374 29.24 -13.72 12.14
CA ILE B 374 29.21 -12.40 11.46
C ILE B 374 28.90 -12.69 9.99
N ARG B 375 27.82 -12.12 9.50
CA ARG B 375 27.35 -12.46 8.13
C ARG B 375 26.96 -11.18 7.42
N GLY B 376 26.90 -11.28 6.09
CA GLY B 376 26.44 -10.16 5.28
C GLY B 376 27.05 -10.25 3.90
N CYS B 377 26.61 -9.36 3.03
N CYS B 377 26.73 -9.26 3.10
CA CYS B 377 27.14 -9.17 1.66
CA CYS B 377 27.10 -9.16 1.67
C CYS B 377 27.06 -7.68 1.40
C CYS B 377 26.99 -7.70 1.26
N GLY B 378 28.04 -7.10 0.72
CA GLY B 378 28.02 -5.66 0.42
C GLY B 378 27.84 -4.86 1.69
N LEU B 379 26.85 -3.96 1.71
CA LEU B 379 26.67 -2.98 2.81
C LEU B 379 25.47 -3.40 3.67
N ILE B 380 25.20 -4.70 3.75
CA ILE B 380 24.26 -5.25 4.76
C ILE B 380 24.98 -6.32 5.56
N ALA B 381 24.86 -6.25 6.88
CA ALA B 381 25.59 -7.17 7.78
C ALA B 381 24.77 -7.41 9.03
N ALA B 382 25.06 -8.53 9.68
CA ALA B 382 24.54 -8.79 11.03
C ALA B 382 25.61 -9.48 11.86
N VAL B 383 25.58 -9.20 13.16
CA VAL B 383 26.35 -9.94 14.17
C VAL B 383 25.35 -10.72 15.01
N GLU B 384 25.41 -12.03 14.94
CA GLU B 384 24.51 -12.85 15.78
C GLU B 384 25.23 -13.16 17.09
N LEU B 385 24.68 -12.66 18.18
CA LEU B 385 25.24 -12.92 19.52
C LEU B 385 24.60 -14.20 20.09
N VAL B 386 25.41 -14.94 20.85
CA VAL B 386 25.02 -16.19 21.53
C VAL B 386 25.60 -16.13 22.94
N GLY B 387 25.00 -16.86 23.86
CA GLY B 387 25.53 -17.04 25.22
C GLY B 387 26.62 -18.07 25.28
N ASP B 388 26.67 -18.96 24.29
CA ASP B 388 27.58 -20.13 24.25
C ASP B 388 27.85 -20.51 22.80
N ARG B 389 29.09 -20.36 22.36
CA ARG B 389 29.45 -20.56 20.93
C ARG B 389 29.33 -22.03 20.55
N VAL B 390 29.64 -22.96 21.46
CA VAL B 390 29.56 -24.41 21.10
C VAL B 390 28.09 -24.81 20.86
N SER B 391 27.19 -24.54 21.79
CA SER B 391 25.77 -24.97 21.67
C SER B 391 24.99 -23.98 20.77
N LYS B 392 25.51 -22.76 20.61
CA LYS B 392 24.83 -21.63 19.92
C LYS B 392 23.60 -21.20 20.68
N ALA B 393 23.50 -21.53 21.98
CA ALA B 393 22.35 -21.20 22.83
C ALA B 393 22.38 -19.71 23.16
N PRO B 394 21.21 -19.08 23.35
CA PRO B 394 21.14 -17.68 23.76
C PRO B 394 21.59 -17.51 25.22
N TYR B 395 21.96 -16.29 25.58
CA TYR B 395 22.04 -15.87 26.98
C TYR B 395 20.60 -15.59 27.45
N GLN B 396 20.15 -16.26 28.51
CA GLN B 396 18.75 -16.09 28.98
C GLN B 396 17.84 -16.43 27.79
N ALA B 397 16.70 -15.77 27.60
CA ALA B 397 15.75 -16.11 26.51
C ALA B 397 16.33 -15.62 25.18
N LEU B 398 16.06 -16.31 24.08
CA LEU B 398 16.42 -15.83 22.72
C LEU B 398 15.93 -14.38 22.60
N GLY B 399 16.80 -13.47 22.16
CA GLY B 399 16.45 -12.05 21.96
C GLY B 399 17.01 -11.15 23.05
N THR B 400 17.47 -11.71 24.18
CA THR B 400 17.97 -10.91 25.32
C THR B 400 19.20 -10.10 24.90
N LEU B 401 20.18 -10.75 24.26
CA LEU B 401 21.44 -10.07 23.87
C LEU B 401 21.14 -9.02 22.79
N GLY B 402 20.32 -9.36 21.80
CA GLY B 402 19.97 -8.41 20.72
C GLY B 402 19.31 -7.17 21.27
N ARG B 403 18.37 -7.35 22.19
CA ARG B 403 17.63 -6.21 22.77
C ARG B 403 18.59 -5.34 23.58
N TYR B 404 19.44 -5.95 24.41
CA TYR B 404 20.40 -5.22 25.26
C TYR B 404 21.38 -4.43 24.38
N MET B 405 21.92 -5.08 23.34
CA MET B 405 22.87 -4.45 22.39
C MET B 405 22.23 -3.25 21.71
N ALA B 406 21.04 -3.41 21.14
CA ALA B 406 20.36 -2.34 20.40
C ALA B 406 20.13 -1.15 21.34
N GLY B 407 19.78 -1.41 22.61
CA GLY B 407 19.60 -0.36 23.63
C GLY B 407 20.91 0.37 23.91
N ARG B 408 22.01 -0.38 24.06
CA ARG B 408 23.33 0.23 24.33
C ARG B 408 23.78 1.04 23.10
N ALA B 409 23.57 0.53 21.89
CA ALA B 409 23.93 1.23 20.65
C ALA B 409 23.21 2.58 20.64
N GLN B 410 21.92 2.60 21.00
CA GLN B 410 21.15 3.86 21.00
C GLN B 410 21.76 4.84 22.00
N GLU B 411 22.15 4.37 23.19
CA GLU B 411 22.80 5.22 24.22
C GLU B 411 24.10 5.80 23.63
N HIS B 412 24.83 5.04 22.82
CA HIS B 412 26.11 5.43 22.18
C HIS B 412 25.87 6.15 20.85
N GLY B 413 24.64 6.59 20.56
CA GLY B 413 24.34 7.43 19.39
C GLY B 413 24.31 6.64 18.10
N MET B 414 23.72 5.45 18.12
CA MET B 414 23.56 4.65 16.88
C MET B 414 22.25 3.87 16.92
N ILE B 415 21.47 3.99 15.87
CA ILE B 415 20.21 3.22 15.70
C ILE B 415 20.53 1.97 14.88
N THR B 416 20.36 0.81 15.52
CA THR B 416 20.53 -0.53 14.90
C THR B 416 19.20 -1.25 15.14
N ARG B 417 18.96 -2.34 14.44
CA ARG B 417 17.77 -3.19 14.63
C ARG B 417 18.26 -4.54 15.15
N ALA B 418 17.63 -5.08 16.19
CA ALA B 418 17.85 -6.45 16.64
C ALA B 418 16.79 -7.32 15.97
N MET B 419 17.21 -8.43 15.37
CA MET B 419 16.30 -9.50 14.88
C MET B 419 16.66 -10.73 15.70
N GLY B 420 15.91 -11.00 16.77
CA GLY B 420 16.32 -11.94 17.81
C GLY B 420 17.63 -11.47 18.42
N ASP B 421 18.68 -12.29 18.37
CA ASP B 421 20.01 -11.92 18.92
C ASP B 421 20.95 -11.46 17.82
N ALA B 422 20.46 -11.18 16.61
CA ALA B 422 21.27 -10.63 15.50
C ALA B 422 21.10 -9.11 15.54
N VAL B 423 22.21 -8.38 15.57
CA VAL B 423 22.21 -6.90 15.47
C VAL B 423 22.60 -6.56 14.04
N ALA B 424 21.76 -5.81 13.34
CA ALA B 424 21.87 -5.59 11.89
C ALA B 424 22.45 -4.21 11.59
N PHE B 425 23.05 -4.10 10.42
CA PHE B 425 23.64 -2.89 9.84
C PHE B 425 23.18 -2.80 8.40
N CYS B 426 22.64 -1.65 8.02
CA CYS B 426 22.17 -1.40 6.64
C CYS B 426 22.25 0.10 6.40
N PRO B 427 23.45 0.70 6.47
CA PRO B 427 23.55 2.16 6.49
C PRO B 427 23.29 2.77 5.12
N PRO B 428 23.06 4.09 5.07
CA PRO B 428 22.92 4.76 3.77
C PRO B 428 24.12 4.44 2.87
N LEU B 429 23.86 4.31 1.57
CA LEU B 429 24.92 4.00 0.57
C LEU B 429 25.98 5.11 0.61
N ILE B 430 25.61 6.32 1.03
CA ILE B 430 26.53 7.51 1.01
C ILE B 430 27.48 7.50 2.21
N VAL B 431 27.38 6.52 3.11
CA VAL B 431 28.26 6.45 4.30
C VAL B 431 29.71 6.51 3.81
N ASN B 432 30.56 7.26 4.50
CA ASN B 432 31.98 7.41 4.11
C ASN B 432 32.83 6.53 5.03
N GLU B 433 34.13 6.44 4.76
CA GLU B 433 35.06 5.54 5.49
C GLU B 433 35.08 5.88 6.98
N GLN B 434 35.17 7.15 7.35
CA GLN B 434 35.23 7.57 8.77
C GLN B 434 33.92 7.17 9.47
N GLU B 435 32.81 7.34 8.75
CA GLU B 435 31.47 7.04 9.30
C GLU B 435 31.33 5.53 9.53
N VAL B 436 31.83 4.70 8.61
CA VAL B 436 31.85 3.22 8.80
C VAL B 436 32.65 2.93 10.07
N GLY B 437 33.79 3.61 10.24
CA GLY B 437 34.61 3.51 11.47
C GLY B 437 33.81 3.82 12.72
N MET B 438 33.00 4.88 12.69
CA MET B 438 32.18 5.32 13.84
C MET B 438 31.07 4.30 14.10
N ILE B 439 30.48 3.71 13.06
CA ILE B 439 29.45 2.63 13.23
C ILE B 439 30.10 1.45 13.97
N VAL B 440 31.27 1.02 13.52
CA VAL B 440 31.95 -0.15 14.13
C VAL B 440 32.36 0.21 15.57
N GLU B 441 32.83 1.43 15.83
CA GLU B 441 33.20 1.93 17.19
C GLU B 441 31.98 1.86 18.11
N ARG B 442 30.81 2.29 17.64
CA ARG B 442 29.60 2.34 18.51
C ARG B 442 29.09 0.92 18.75
N PHE B 443 29.19 0.05 17.74
CA PHE B 443 28.95 -1.40 17.91
C PHE B 443 29.87 -1.94 19.02
N ALA B 444 31.17 -1.62 18.93
CA ALA B 444 32.18 -2.11 19.90
C ALA B 444 31.83 -1.62 21.30
N ARG B 445 31.41 -0.36 21.47
CA ARG B 445 31.04 0.19 22.80
C ARG B 445 29.81 -0.55 23.35
N ALA B 446 28.82 -0.81 22.51
CA ALA B 446 27.60 -1.56 22.89
C ALA B 446 27.98 -2.99 23.30
N LEU B 447 28.89 -3.61 22.55
CA LEU B 447 29.33 -5.00 22.81
C LEU B 447 30.09 -5.05 24.15
N ASP B 448 30.92 -4.05 24.40
CA ASP B 448 31.68 -3.95 25.67
C ASP B 448 30.69 -3.89 26.83
N ASP B 449 29.71 -2.99 26.74
CA ASP B 449 28.61 -2.86 27.75
C ASP B 449 27.92 -4.22 27.94
N THR B 450 27.55 -4.88 26.84
CA THR B 450 26.77 -6.12 26.87
C THR B 450 27.62 -7.21 27.53
N THR B 451 28.92 -7.23 27.23
CA THR B 451 29.87 -8.23 27.77
C THR B 451 30.00 -8.02 29.28
N GLN B 452 30.13 -6.78 29.73
CA GLN B 452 30.22 -6.45 31.19
C GLN B 452 28.92 -6.88 31.88
N TRP B 453 27.79 -6.67 31.20
CA TRP B 453 26.45 -7.04 31.74
C TRP B 453 26.32 -8.57 31.90
N VAL B 454 26.74 -9.35 30.91
CA VAL B 454 26.67 -10.83 30.90
C VAL B 454 27.75 -11.42 31.83
N GLY B 455 28.99 -10.93 31.75
CA GLY B 455 30.13 -11.49 32.51
C GLY B 455 30.44 -12.91 32.08
N PRO B 456 30.85 -13.14 30.82
CA PRO B 456 31.13 -14.52 30.37
C PRO B 456 32.29 -15.15 31.15
N GLY B 457 33.18 -14.32 31.70
CA GLY B 457 34.34 -14.76 32.52
C GLY B 457 34.92 -16.07 32.01
N1 PLP C . -12.45 2.55 -0.72
C2 PLP C . -13.08 3.51 -1.50
C2A PLP C . -14.48 3.97 -1.16
C3 PLP C . -12.43 4.06 -2.63
O3 PLP C . -13.06 5.01 -3.38
C4 PLP C . -11.09 3.72 -2.92
C4A PLP C . -10.24 4.68 -3.75
C5 PLP C . -10.46 2.73 -2.14
C6 PLP C . -11.13 2.15 -1.04
C5A PLP C . -9.03 2.21 -2.54
O4P PLP C . -8.07 3.25 -2.40
P PLP C . -6.56 3.09 -3.07
O1P PLP C . -6.70 3.21 -4.57
O2P PLP C . -5.65 4.20 -2.54
O3P PLP C . -5.97 1.73 -2.73
H2A1 PLP C . -15.16 3.12 -1.26
H2A2 PLP C . -14.50 4.32 -0.13
H2A3 PLP C . -14.79 4.76 -1.83
HO3 PLP C . -12.48 5.41 -4.00
H4A PLP C . -10.22 4.57 -4.83
H6 PLP C . -10.63 1.39 -0.43
H5A1 PLP C . -8.75 1.37 -1.91
H5A2 PLP C . -9.04 1.87 -3.57
C1 SIN D . 26.83 15.17 14.18
O1 SIN D . 25.71 15.38 14.67
O2 SIN D . 27.82 14.80 14.84
C2 SIN D . 26.99 15.39 12.68
C3 SIN D . 28.37 15.10 12.11
C4 SIN D . 28.39 15.19 10.60
O3 SIN D . 27.38 15.66 10.02
O4 SIN D . 29.40 14.79 9.99
H21 SIN D . 26.76 16.32 12.50
H22 SIN D . 26.33 14.83 12.23
H31 SIN D . 28.64 14.20 12.37
H32 SIN D . 29.01 15.74 12.47
N1 PLP E . 9.58 -7.33 1.11
C2 PLP E . 10.79 -7.07 1.72
C2A PLP E . 11.99 -7.91 1.40
C3 PLP E . 10.90 -6.01 2.65
O3 PLP E . 12.08 -5.76 3.26
C4 PLP E . 9.81 -5.15 2.87
C4A PLP E . 10.07 -3.72 3.35
C5 PLP E . 8.56 -5.46 2.28
C6 PLP E . 8.47 -6.53 1.37
C5A PLP E . 7.30 -4.66 2.66
O4P PLP E . 7.38 -3.35 2.17
P PLP E . 6.36 -2.20 2.70
O1P PLP E . 6.53 -0.92 1.83
O2P PLP E . 6.71 -1.90 4.14
O3P PLP E . 4.90 -2.71 2.60
H2A1 PLP E . 11.81 -8.94 1.71
H2A2 PLP E . 12.18 -7.89 0.32
H2A3 PLP E . 12.86 -7.53 1.93
HO3 PLP E . 12.05 -4.95 3.73
H4A PLP E . 9.86 -3.44 4.38
H6 PLP E . 7.51 -6.76 0.89
H5A1 PLP E . 6.41 -5.15 2.25
H5A2 PLP E . 7.19 -4.64 3.75
#